data_6O50
#
_entry.id   6O50
#
_cell.length_a   125.180
_cell.length_b   125.180
_cell.length_c   130.280
_cell.angle_alpha   90.00
_cell.angle_beta   90.00
_cell.angle_gamma   120.00
#
_symmetry.space_group_name_H-M   'P 31'
#
loop_
_entity.id
_entity.type
_entity.pdbx_description
1 polymer Acetylcholinesterase
2 non-polymer 4-(5-{4-[DIMETHYL(PROP-2-ENYL)AMMONIO]PHENYL}-3-OXOPENTYL)-N,N-DIMETHYL-N-PROP-2-ENYLBENZENAMINIUM
3 non-polymer GLYCEROL
4 non-polymer 'NITRATE ION'
5 water water
#
_entity_poly.entity_id   1
_entity_poly.type   'polypeptide(L)'
_entity_poly.pdbx_seq_one_letter_code
;GPLEGREDAELLVTVRGGRLRGIRLKTPGGPVSAFLGIPFAEPPMGPRRFLPPEPKQPWSGVVDATTFQSVCYQYVDTLY
PGFEGTEMWNPNRELSEDCLYLNVWTPYPRPTSPTPVLVWIYGGGFYSGASSLDVYDGRFLVQAERTVLVSMNYRVGAFG
FLALPGSREAPGNVGLLDQRLALQWVQENVAAFGGDPTSVTLFGESAGAASVGMHLLSPPSRGLFHRAVLQSGAPNGPWA
TVGMGEARRRATQLAHLVGCPPGGTGGNDTELVACLRTRPAQVLVNHEWHVLPQESVFRFSFVPVVDGDFLSDTPEALIN
AGDFHGLQVLVGVVKDEGSYFLVYGAPGFSKDNESLISRAEFLAGVRVGVPQVSDLAAEAVVLHYTDWLHPEDPARLREA
LSDVVGDHNVVCPVAQLAGRLAAQGARVYAYVFEHRASTLSWPLWMGVPHGYEIEFIFGIPLDPSRNYTAEEKIFAQRLM
RYWANFARTGDPNEPRDPKAPQWPPYTAGAQQYVSLDLRPLEVRRGLRAQACAFWNRFLPKLLSATDTLD
;
_entity_poly.pdbx_strand_id   A,B
#
loop_
_chem_comp.id
_chem_comp.type
_chem_comp.name
_chem_comp.formula
EBW non-polymer 4-(5-{4-[DIMETHYL(PROP-2-ENYL)AMMONIO]PHENYL}-3-OXOPENTYL)-N,N-DIMETHYL-N-PROP-2-ENYLBENZENAMINIUM 'C27 H38 N2 O 2'
GOL non-polymer GLYCEROL 'C3 H8 O3'
NO3 non-polymer 'NITRATE ION' 'N O3 -1'
#
# COMPACT_ATOMS: atom_id res chain seq x y z
N GLU A 7 -44.41 -15.44 -9.44
CA GLU A 7 -42.98 -15.71 -9.36
C GLU A 7 -42.41 -16.04 -10.72
N ASP A 8 -41.37 -15.34 -11.11
CA ASP A 8 -40.67 -15.65 -12.36
C ASP A 8 -39.89 -16.95 -12.19
N ALA A 9 -40.40 -18.05 -12.75
CA ALA A 9 -39.71 -19.33 -12.71
C ALA A 9 -38.36 -19.31 -13.43
N GLU A 10 -38.11 -18.31 -14.28
CA GLU A 10 -36.79 -18.15 -14.88
C GLU A 10 -35.71 -17.98 -13.82
N LEU A 11 -35.98 -17.19 -12.78
CA LEU A 11 -35.02 -16.93 -11.72
C LEU A 11 -35.04 -17.98 -10.61
N LEU A 12 -35.66 -19.13 -10.86
CA LEU A 12 -35.70 -20.23 -9.91
C LEU A 12 -35.19 -21.48 -10.61
N VAL A 13 -34.09 -22.03 -10.13
CA VAL A 13 -33.43 -23.17 -10.77
C VAL A 13 -33.00 -24.16 -9.69
N THR A 14 -33.10 -25.44 -10.00
CA THR A 14 -32.63 -26.52 -9.13
C THR A 14 -31.39 -27.15 -9.74
N VAL A 15 -30.37 -27.36 -8.93
CA VAL A 15 -29.16 -28.08 -9.33
C VAL A 15 -29.01 -29.28 -8.41
N ARG A 16 -27.91 -30.04 -8.58
CA ARG A 16 -27.73 -31.26 -7.81
C ARG A 16 -27.57 -31.01 -6.32
N GLY A 17 -27.25 -29.79 -5.92
CA GLY A 17 -27.08 -29.49 -4.52
C GLY A 17 -28.33 -28.91 -3.87
N GLY A 18 -29.22 -28.36 -4.67
CA GLY A 18 -30.45 -27.80 -4.17
C GLY A 18 -30.97 -26.72 -5.11
N ARG A 19 -31.76 -25.82 -4.54
CA ARG A 19 -32.45 -24.79 -5.29
C ARG A 19 -31.73 -23.45 -5.18
N LEU A 20 -31.93 -22.60 -6.19
CA LEU A 20 -31.31 -21.28 -6.23
C LEU A 20 -32.32 -20.26 -6.71
N ARG A 21 -32.20 -19.03 -6.23
CA ARG A 21 -32.90 -17.91 -6.83
C ARG A 21 -31.88 -16.93 -7.40
N GLY A 22 -32.05 -16.56 -8.67
CA GLY A 22 -31.17 -15.64 -9.35
C GLY A 22 -31.78 -14.24 -9.46
N ILE A 23 -31.14 -13.41 -10.27
CA ILE A 23 -31.54 -12.02 -10.46
C ILE A 23 -31.56 -11.71 -11.95
N ARG A 24 -32.50 -10.87 -12.35
CA ARG A 24 -32.58 -10.40 -13.74
C ARG A 24 -31.75 -9.13 -13.89
N LEU A 25 -30.88 -9.11 -14.90
CA LEU A 25 -30.02 -7.97 -15.18
C LEU A 25 -30.52 -7.23 -16.41
N LYS A 26 -30.45 -5.90 -16.38
CA LYS A 26 -30.85 -5.08 -17.51
C LYS A 26 -29.67 -4.88 -18.45
N THR A 27 -29.96 -4.91 -19.75
CA THR A 27 -29.06 -4.46 -20.81
C THR A 27 -29.85 -3.57 -21.73
N PRO A 28 -29.18 -2.71 -22.50
CA PRO A 28 -29.92 -1.86 -23.46
C PRO A 28 -30.73 -2.64 -24.48
N GLY A 29 -30.48 -3.93 -24.65
CA GLY A 29 -31.20 -4.71 -25.64
C GLY A 29 -31.94 -5.92 -25.11
N GLY A 30 -32.30 -5.89 -23.83
CA GLY A 30 -33.02 -6.99 -23.23
C GLY A 30 -32.37 -7.52 -21.98
N PRO A 31 -33.12 -8.31 -21.22
CA PRO A 31 -32.62 -8.83 -19.95
C PRO A 31 -31.90 -10.16 -20.09
N VAL A 32 -31.15 -10.49 -19.04
CA VAL A 32 -30.51 -11.79 -18.87
C VAL A 32 -30.78 -12.24 -17.45
N SER A 33 -30.74 -13.56 -17.27
CA SER A 33 -30.88 -14.22 -15.99
C SER A 33 -29.51 -14.56 -15.44
N ALA A 34 -29.22 -14.05 -14.24
CA ALA A 34 -27.94 -14.19 -13.58
C ALA A 34 -28.13 -14.96 -12.28
N PHE A 35 -27.21 -15.88 -12.02
CA PHE A 35 -27.17 -16.69 -10.80
C PHE A 35 -25.77 -16.52 -10.23
N LEU A 36 -25.62 -15.57 -9.31
CA LEU A 36 -24.32 -15.13 -8.81
C LEU A 36 -24.08 -15.69 -7.42
N GLY A 37 -22.88 -16.22 -7.19
CA GLY A 37 -22.51 -16.69 -5.88
C GLY A 37 -22.94 -18.10 -5.53
N ILE A 38 -22.99 -19.00 -6.51
CA ILE A 38 -23.37 -20.39 -6.28
C ILE A 38 -22.19 -21.11 -5.64
N PRO A 39 -22.36 -21.74 -4.49
CA PRO A 39 -21.25 -22.51 -3.89
C PRO A 39 -21.01 -23.80 -4.67
N PHE A 40 -19.77 -23.98 -5.13
CA PHE A 40 -19.38 -25.22 -5.79
C PHE A 40 -18.41 -26.05 -4.97
N ALA A 41 -18.07 -25.62 -3.76
CA ALA A 41 -17.15 -26.37 -2.91
C ALA A 41 -17.40 -26.00 -1.46
N GLU A 42 -17.02 -26.92 -0.58
CA GLU A 42 -17.03 -26.61 0.84
C GLU A 42 -16.04 -25.49 1.13
N PRO A 43 -16.40 -24.51 1.96
CA PRO A 43 -15.48 -23.44 2.32
C PRO A 43 -14.13 -23.99 2.77
N PRO A 44 -13.00 -23.66 2.02
CA PRO A 44 -11.67 -24.22 2.32
C PRO A 44 -10.99 -23.52 3.49
N MET A 45 -11.58 -23.64 4.68
CA MET A 45 -11.12 -22.93 5.86
C MET A 45 -10.60 -23.91 6.91
N GLY A 46 -9.87 -23.35 7.87
CA GLY A 46 -9.34 -24.13 8.97
C GLY A 46 -8.39 -25.22 8.52
N PRO A 47 -8.72 -26.47 8.89
CA PRO A 47 -7.89 -27.60 8.46
C PRO A 47 -7.89 -27.83 6.95
N ARG A 48 -8.78 -27.17 6.21
CA ARG A 48 -8.85 -27.30 4.76
C ARG A 48 -8.00 -26.28 4.02
N ARG A 49 -7.36 -25.36 4.74
CA ARG A 49 -6.44 -24.43 4.11
C ARG A 49 -5.29 -25.20 3.47
N PHE A 50 -4.95 -24.83 2.24
CA PHE A 50 -3.93 -25.46 1.39
C PHE A 50 -4.35 -26.84 0.88
N LEU A 51 -5.59 -27.25 1.10
CA LEU A 51 -6.03 -28.58 0.71
C LEU A 51 -6.83 -28.54 -0.59
N PRO A 52 -6.87 -29.64 -1.33
CA PRO A 52 -7.71 -29.68 -2.51
C PRO A 52 -9.17 -29.47 -2.14
N PRO A 53 -9.95 -28.89 -3.05
CA PRO A 53 -11.35 -28.59 -2.71
C PRO A 53 -12.19 -29.85 -2.62
N GLU A 54 -13.18 -29.80 -1.72
CA GLU A 54 -14.21 -30.80 -1.60
C GLU A 54 -15.52 -30.27 -2.17
N PRO A 55 -16.28 -31.07 -2.91
CA PRO A 55 -17.50 -30.56 -3.53
C PRO A 55 -18.50 -30.10 -2.48
N LYS A 56 -19.27 -29.07 -2.84
CA LYS A 56 -20.26 -28.52 -1.93
C LYS A 56 -21.33 -29.56 -1.60
N GLN A 57 -21.62 -29.69 -0.32
CA GLN A 57 -22.64 -30.65 0.08
C GLN A 57 -24.03 -30.08 -0.20
N PRO A 58 -25.00 -30.94 -0.53
CA PRO A 58 -26.34 -30.45 -0.86
C PRO A 58 -26.97 -29.70 0.30
N TRP A 59 -27.86 -28.77 -0.03
CA TRP A 59 -28.45 -27.87 0.94
C TRP A 59 -29.96 -27.92 0.86
N SER A 60 -30.61 -27.75 2.01
CA SER A 60 -32.05 -27.57 2.04
C SER A 60 -32.40 -26.11 1.82
N GLY A 61 -33.55 -25.86 1.23
CA GLY A 61 -33.99 -24.52 0.98
C GLY A 61 -33.51 -23.97 -0.35
N VAL A 62 -33.56 -22.66 -0.47
CA VAL A 62 -33.22 -21.94 -1.70
C VAL A 62 -32.06 -21.01 -1.40
N VAL A 63 -30.88 -21.33 -1.91
CA VAL A 63 -29.73 -20.45 -1.78
C VAL A 63 -29.97 -19.19 -2.60
N ASP A 64 -29.74 -18.03 -1.99
CA ASP A 64 -29.86 -16.76 -2.70
C ASP A 64 -28.67 -16.59 -3.63
N ALA A 65 -28.93 -16.49 -4.93
CA ALA A 65 -27.88 -16.29 -5.91
C ALA A 65 -28.09 -14.98 -6.65
N THR A 66 -28.24 -13.89 -5.90
CA THR A 66 -28.54 -12.58 -6.48
C THR A 66 -27.36 -11.62 -6.44
N THR A 67 -26.30 -11.92 -5.70
CA THR A 67 -25.15 -11.03 -5.60
C THR A 67 -23.86 -11.86 -5.58
N PHE A 68 -22.78 -11.24 -6.01
CA PHE A 68 -21.48 -11.89 -6.00
C PHE A 68 -21.07 -12.21 -4.56
N GLN A 69 -20.38 -13.33 -4.39
CA GLN A 69 -19.90 -13.75 -3.08
C GLN A 69 -18.53 -13.10 -2.82
N SER A 70 -17.80 -13.61 -1.84
CA SER A 70 -16.62 -12.93 -1.33
C SER A 70 -15.41 -13.20 -2.22
N VAL A 71 -14.51 -12.21 -2.26
CA VAL A 71 -13.25 -12.33 -2.98
C VAL A 71 -12.29 -13.16 -2.13
N CYS A 72 -11.53 -14.05 -2.78
CA CYS A 72 -10.52 -14.82 -2.07
C CYS A 72 -9.42 -13.89 -1.56
N TYR A 73 -8.86 -14.25 -0.41
CA TYR A 73 -7.81 -13.44 0.22
C TYR A 73 -6.66 -13.21 -0.75
N GLN A 74 -6.25 -11.95 -0.88
CA GLN A 74 -5.25 -11.60 -1.87
C GLN A 74 -4.65 -10.24 -1.53
N TYR A 75 -3.45 -10.01 -2.05
CA TYR A 75 -2.82 -8.70 -1.95
C TYR A 75 -3.66 -7.66 -2.71
N VAL A 76 -3.65 -6.43 -2.20
CA VAL A 76 -4.45 -5.34 -2.74
C VAL A 76 -3.49 -4.26 -3.22
N ASP A 77 -3.60 -3.89 -4.50
CA ASP A 77 -2.68 -2.93 -5.09
C ASP A 77 -2.91 -1.55 -4.51
N THR A 78 -1.84 -0.96 -3.96
CA THR A 78 -1.88 0.38 -3.39
C THR A 78 -0.84 1.29 -4.05
N LEU A 79 -0.30 0.89 -5.20
CA LEU A 79 0.73 1.67 -5.86
C LEU A 79 0.20 3.04 -6.29
N TYR A 80 -1.08 3.12 -6.65
CA TYR A 80 -1.70 4.37 -7.07
C TYR A 80 -3.09 4.45 -6.47
N PRO A 81 -3.20 4.93 -5.22
CA PRO A 81 -4.51 5.01 -4.57
C PRO A 81 -5.47 5.91 -5.35
N GLY A 82 -6.72 5.47 -5.43
CA GLY A 82 -7.76 6.21 -6.11
C GLY A 82 -7.66 6.21 -7.63
N PHE A 83 -6.74 5.47 -8.22
CA PHE A 83 -6.49 5.49 -9.65
C PHE A 83 -7.31 4.38 -10.33
N GLU A 84 -8.13 4.76 -11.31
CA GLU A 84 -9.01 3.81 -11.96
C GLU A 84 -8.23 2.66 -12.60
N GLY A 85 -7.06 2.96 -13.17
CA GLY A 85 -6.30 1.95 -13.88
C GLY A 85 -5.87 0.78 -13.01
N THR A 86 -5.66 1.02 -11.72
CA THR A 86 -5.30 -0.03 -10.77
C THR A 86 -6.48 -0.50 -9.94
N GLU A 87 -7.33 0.41 -9.45
CA GLU A 87 -8.46 0.03 -8.61
C GLU A 87 -9.45 -0.87 -9.33
N MET A 88 -9.53 -0.81 -10.67
CA MET A 88 -10.46 -1.65 -11.41
C MET A 88 -10.15 -3.13 -11.28
N TRP A 89 -8.97 -3.50 -10.81
CA TRP A 89 -8.60 -4.90 -10.62
C TRP A 89 -8.60 -5.33 -9.16
N ASN A 90 -8.77 -4.39 -8.22
CA ASN A 90 -8.75 -4.72 -6.80
C ASN A 90 -10.08 -5.34 -6.38
N PRO A 91 -10.08 -6.08 -5.26
CA PRO A 91 -11.32 -6.73 -4.81
C PRO A 91 -12.44 -5.72 -4.60
N ASN A 92 -13.62 -6.03 -5.14
CA ASN A 92 -14.82 -5.23 -4.93
C ASN A 92 -15.82 -5.92 -4.03
N ARG A 93 -15.40 -6.96 -3.31
CA ARG A 93 -16.19 -7.56 -2.24
C ARG A 93 -15.27 -7.80 -1.05
N GLU A 94 -15.87 -8.18 0.07
CA GLU A 94 -15.10 -8.46 1.27
C GLU A 94 -14.21 -9.68 1.06
N LEU A 95 -13.01 -9.64 1.65
CA LEU A 95 -12.09 -10.77 1.56
C LEU A 95 -12.49 -11.86 2.54
N SER A 96 -12.37 -13.12 2.10
CA SER A 96 -12.65 -14.27 2.95
C SER A 96 -12.05 -15.50 2.32
N GLU A 97 -11.66 -16.46 3.17
CA GLU A 97 -11.26 -17.77 2.67
C GLU A 97 -12.47 -18.59 2.22
N ASP A 98 -13.67 -18.21 2.66
CA ASP A 98 -14.91 -18.81 2.17
C ASP A 98 -15.28 -18.09 0.87
N CYS A 99 -14.61 -18.49 -0.22
CA CYS A 99 -14.72 -17.76 -1.47
C CYS A 99 -14.98 -18.64 -2.69
N LEU A 100 -15.12 -19.94 -2.53
CA LEU A 100 -15.25 -20.84 -3.67
C LEU A 100 -16.70 -20.85 -4.15
N TYR A 101 -17.03 -19.83 -4.95
CA TYR A 101 -18.36 -19.67 -5.53
C TYR A 101 -18.21 -19.37 -7.01
N LEU A 102 -19.23 -19.72 -7.79
CA LEU A 102 -19.24 -19.47 -9.22
C LEU A 102 -20.51 -18.73 -9.61
N ASN A 103 -20.51 -18.21 -10.84
CA ASN A 103 -21.60 -17.41 -11.37
C ASN A 103 -22.02 -17.97 -12.72
N VAL A 104 -23.33 -17.92 -13.00
CA VAL A 104 -23.87 -18.39 -14.27
C VAL A 104 -24.77 -17.30 -14.85
N TRP A 105 -24.49 -16.88 -16.08
CA TRP A 105 -25.37 -16.03 -16.85
C TRP A 105 -26.03 -16.85 -17.95
N THR A 106 -27.31 -16.60 -18.19
CA THR A 106 -28.06 -17.31 -19.21
C THR A 106 -29.08 -16.37 -19.82
N PRO A 107 -29.39 -16.50 -21.10
CA PRO A 107 -30.26 -15.52 -21.76
C PRO A 107 -31.69 -15.60 -21.27
N TYR A 108 -32.40 -14.48 -21.42
CA TYR A 108 -33.84 -14.44 -21.24
C TYR A 108 -34.51 -14.30 -22.60
N PRO A 109 -35.46 -15.19 -22.92
CA PRO A 109 -35.88 -16.34 -22.08
C PRO A 109 -34.84 -17.45 -22.06
N ARG A 110 -34.91 -18.32 -21.06
CA ARG A 110 -33.94 -19.40 -20.94
C ARG A 110 -33.95 -20.24 -22.22
N PRO A 111 -32.78 -20.64 -22.71
CA PRO A 111 -32.75 -21.42 -23.97
C PRO A 111 -33.50 -22.74 -23.83
N THR A 112 -34.45 -22.96 -24.76
CA THR A 112 -35.06 -24.28 -24.89
C THR A 112 -34.13 -25.24 -25.62
N SER A 113 -33.23 -24.71 -26.45
CA SER A 113 -32.16 -25.48 -27.03
C SER A 113 -31.04 -25.69 -26.01
N PRO A 114 -30.19 -26.68 -26.24
CA PRO A 114 -28.88 -26.68 -25.55
C PRO A 114 -27.98 -25.62 -26.17
N THR A 115 -27.22 -24.94 -25.32
CA THR A 115 -26.47 -23.78 -25.76
C THR A 115 -25.00 -23.91 -25.38
N PRO A 116 -24.08 -23.57 -26.28
CA PRO A 116 -22.66 -23.60 -25.95
C PRO A 116 -22.34 -22.68 -24.77
N VAL A 117 -21.35 -23.09 -23.98
CA VAL A 117 -21.03 -22.47 -22.70
C VAL A 117 -19.61 -21.91 -22.75
N LEU A 118 -19.47 -20.62 -22.47
CA LEU A 118 -18.18 -19.97 -22.27
C LEU A 118 -17.87 -19.95 -20.78
N VAL A 119 -16.65 -20.32 -20.41
CA VAL A 119 -16.22 -20.35 -19.02
C VAL A 119 -15.03 -19.42 -18.87
N TRP A 120 -15.16 -18.42 -18.00
CA TRP A 120 -14.15 -17.39 -17.81
C TRP A 120 -13.27 -17.73 -16.61
N ILE A 121 -11.96 -17.69 -16.81
CA ILE A 121 -10.97 -17.82 -15.75
C ILE A 121 -10.19 -16.53 -15.68
N TYR A 122 -10.31 -15.81 -14.57
CA TYR A 122 -9.66 -14.51 -14.45
C TYR A 122 -8.16 -14.67 -14.23
N GLY A 123 -7.42 -13.64 -14.61
CA GLY A 123 -6.00 -13.57 -14.38
C GLY A 123 -5.66 -12.78 -13.12
N GLY A 124 -4.38 -12.48 -12.98
CA GLY A 124 -3.92 -11.73 -11.83
C GLY A 124 -2.64 -12.29 -11.24
N GLY A 125 -1.78 -12.85 -12.09
CA GLY A 125 -0.50 -13.39 -11.64
C GLY A 125 -0.60 -14.50 -10.63
N PHE A 126 -1.75 -15.18 -10.56
CA PHE A 126 -2.04 -16.24 -9.59
C PHE A 126 -2.03 -15.75 -8.15
N TYR A 127 -2.03 -14.43 -7.92
CA TYR A 127 -2.08 -13.87 -6.58
C TYR A 127 -3.27 -12.96 -6.34
N SER A 128 -4.00 -12.56 -7.39
CA SER A 128 -5.10 -11.64 -7.26
C SER A 128 -6.17 -11.98 -8.29
N GLY A 129 -7.29 -11.27 -8.20
CA GLY A 129 -8.37 -11.45 -9.16
C GLY A 129 -9.66 -11.96 -8.55
N ALA A 130 -10.78 -11.67 -9.19
CA ALA A 130 -12.08 -12.10 -8.72
C ALA A 130 -13.06 -12.13 -9.89
N SER A 131 -14.07 -12.99 -9.79
CA SER A 131 -15.11 -13.05 -10.80
C SER A 131 -16.12 -11.92 -10.69
N SER A 132 -16.07 -11.14 -9.61
CA SER A 132 -17.03 -10.09 -9.36
C SER A 132 -16.62 -8.73 -9.91
N LEU A 133 -15.45 -8.64 -10.54
CA LEU A 133 -15.02 -7.37 -11.12
C LEU A 133 -15.99 -6.91 -12.20
N ASP A 134 -16.29 -5.61 -12.22
CA ASP A 134 -17.24 -5.07 -13.18
C ASP A 134 -16.81 -5.37 -14.62
N VAL A 135 -15.51 -5.42 -14.88
CA VAL A 135 -15.01 -5.66 -16.22
C VAL A 135 -15.22 -7.10 -16.68
N TYR A 136 -15.60 -7.99 -15.77
CA TYR A 136 -15.95 -9.37 -16.11
C TYR A 136 -17.45 -9.59 -16.12
N ASP A 137 -18.24 -8.54 -16.23
CA ASP A 137 -19.69 -8.65 -16.22
C ASP A 137 -20.17 -9.31 -17.51
N GLY A 138 -20.85 -10.44 -17.37
CA GLY A 138 -21.24 -11.25 -18.51
C GLY A 138 -22.60 -10.96 -19.10
N ARG A 139 -23.28 -9.91 -18.66
CA ARG A 139 -24.64 -9.67 -19.13
C ARG A 139 -24.67 -9.27 -20.60
N PHE A 140 -23.70 -8.48 -21.05
CA PHE A 140 -23.69 -8.01 -22.43
C PHE A 140 -23.32 -9.13 -23.39
N LEU A 141 -22.36 -9.98 -22.99
CA LEU A 141 -21.99 -11.13 -23.81
C LEU A 141 -23.16 -12.08 -24.00
N VAL A 142 -23.84 -12.42 -22.90
CA VAL A 142 -24.95 -13.37 -22.97
C VAL A 142 -26.12 -12.77 -23.73
N GLN A 143 -26.39 -11.48 -23.55
CA GLN A 143 -27.49 -10.86 -24.26
C GLN A 143 -27.23 -10.81 -25.76
N ALA A 144 -26.00 -10.48 -26.16
CA ALA A 144 -25.71 -10.22 -27.57
C ALA A 144 -25.56 -11.51 -28.37
N GLU A 145 -24.96 -12.54 -27.78
CA GLU A 145 -24.65 -13.76 -28.51
C GLU A 145 -25.38 -14.99 -27.98
N ARG A 146 -26.15 -14.85 -26.89
CA ARG A 146 -27.03 -15.89 -26.38
C ARG A 146 -26.29 -17.20 -26.12
N THR A 147 -25.05 -17.09 -25.66
CA THR A 147 -24.37 -18.23 -25.07
C THR A 147 -24.65 -18.25 -23.58
N VAL A 148 -24.13 -19.26 -22.89
CA VAL A 148 -24.21 -19.35 -21.43
C VAL A 148 -22.81 -19.13 -20.87
N LEU A 149 -22.67 -18.16 -19.97
CA LEU A 149 -21.37 -17.76 -19.44
C LEU A 149 -21.26 -18.17 -17.97
N VAL A 150 -20.21 -18.90 -17.66
CA VAL A 150 -19.88 -19.28 -16.29
C VAL A 150 -18.53 -18.67 -15.94
N SER A 151 -18.37 -18.29 -14.68
CA SER A 151 -17.10 -17.78 -14.17
C SER A 151 -16.96 -18.19 -12.72
N MET A 152 -15.76 -18.63 -12.35
CA MET A 152 -15.51 -19.13 -11.00
C MET A 152 -14.48 -18.27 -10.28
N ASN A 153 -14.54 -18.32 -8.96
CA ASN A 153 -13.48 -17.85 -8.09
C ASN A 153 -12.60 -19.04 -7.71
N TYR A 154 -11.29 -18.82 -7.73
CA TYR A 154 -10.34 -19.85 -7.29
C TYR A 154 -9.33 -19.21 -6.36
N ARG A 155 -8.80 -20.04 -5.45
CA ARG A 155 -7.83 -19.54 -4.48
C ARG A 155 -6.55 -19.10 -5.17
N VAL A 156 -6.04 -17.94 -4.74
CA VAL A 156 -4.84 -17.34 -5.28
C VAL A 156 -3.83 -17.17 -4.15
N GLY A 157 -2.61 -16.75 -4.52
CA GLY A 157 -1.54 -16.55 -3.57
C GLY A 157 -1.15 -17.85 -2.87
N ALA A 158 -0.81 -17.71 -1.59
CA ALA A 158 -0.40 -18.87 -0.81
C ALA A 158 -1.57 -19.82 -0.58
N PHE A 159 -2.77 -19.29 -0.42
CA PHE A 159 -3.93 -20.15 -0.17
C PHE A 159 -4.26 -21.03 -1.36
N GLY A 160 -3.78 -20.68 -2.55
CA GLY A 160 -4.04 -21.46 -3.73
C GLY A 160 -2.84 -22.19 -4.28
N PHE A 161 -1.63 -21.69 -4.03
CA PHE A 161 -0.47 -22.23 -4.70
C PHE A 161 0.77 -22.39 -3.82
N LEU A 162 0.66 -22.23 -2.50
CA LEU A 162 1.75 -22.62 -1.63
C LEU A 162 1.91 -24.13 -1.69
N ALA A 163 3.15 -24.59 -1.82
CA ALA A 163 3.41 -26.01 -2.04
C ALA A 163 4.65 -26.43 -1.28
N LEU A 164 4.50 -27.42 -0.41
CA LEU A 164 5.62 -28.20 0.10
C LEU A 164 5.58 -29.53 -0.65
N PRO A 165 6.19 -29.62 -1.83
CA PRO A 165 5.91 -30.74 -2.73
C PRO A 165 6.25 -32.08 -2.10
N GLY A 166 5.46 -33.09 -2.44
CA GLY A 166 5.60 -34.40 -1.85
C GLY A 166 4.91 -34.60 -0.52
N SER A 167 4.26 -33.57 0.00
CA SER A 167 3.53 -33.66 1.27
C SER A 167 2.03 -33.72 1.01
N ARG A 168 1.32 -34.28 1.99
CA ARG A 168 -0.13 -34.34 1.94
C ARG A 168 -0.79 -33.08 2.49
N GLU A 169 -0.09 -32.33 3.35
CA GLU A 169 -0.68 -31.15 3.96
C GLU A 169 -0.78 -29.97 3.01
N ALA A 170 0.17 -29.84 2.07
CA ALA A 170 0.16 -28.74 1.10
C ALA A 170 0.72 -29.25 -0.21
N PRO A 171 -0.09 -29.96 -1.00
CA PRO A 171 0.44 -30.56 -2.24
C PRO A 171 0.74 -29.53 -3.31
N GLY A 172 -0.01 -28.44 -3.37
CA GLY A 172 0.15 -27.42 -4.39
C GLY A 172 -0.95 -27.49 -5.43
N ASN A 173 -1.01 -26.42 -6.23
CA ASN A 173 -1.91 -26.31 -7.37
C ASN A 173 -3.39 -26.43 -6.97
N VAL A 174 -3.72 -26.31 -5.69
CA VAL A 174 -5.10 -26.47 -5.27
C VAL A 174 -5.99 -25.38 -5.88
N GLY A 175 -5.41 -24.24 -6.26
CA GLY A 175 -6.17 -23.26 -7.01
C GLY A 175 -6.55 -23.73 -8.39
N LEU A 176 -5.69 -24.53 -9.02
CA LEU A 176 -6.05 -25.14 -10.30
C LEU A 176 -7.15 -26.17 -10.14
N LEU A 177 -7.14 -26.90 -9.02
CA LEU A 177 -8.21 -27.87 -8.75
C LEU A 177 -9.54 -27.16 -8.49
N ASP A 178 -9.51 -26.02 -7.79
CA ASP A 178 -10.72 -25.21 -7.63
C ASP A 178 -11.35 -24.93 -8.98
N GLN A 179 -10.53 -24.56 -9.96
CA GLN A 179 -11.04 -24.33 -11.32
C GLN A 179 -11.57 -25.63 -11.92
N ARG A 180 -10.87 -26.74 -11.68
CA ARG A 180 -11.33 -28.02 -12.20
C ARG A 180 -12.66 -28.43 -11.58
N LEU A 181 -12.83 -28.18 -10.28
CA LEU A 181 -14.08 -28.51 -9.62
C LEU A 181 -15.24 -27.73 -10.21
N ALA A 182 -15.03 -26.44 -10.49
CA ALA A 182 -16.06 -25.65 -11.15
C ALA A 182 -16.33 -26.14 -12.56
N LEU A 183 -15.32 -26.73 -13.22
CA LEU A 183 -15.53 -27.32 -14.53
C LEU A 183 -16.40 -28.57 -14.44
N GLN A 184 -16.14 -29.41 -13.43
CA GLN A 184 -17.01 -30.56 -13.20
C GLN A 184 -18.42 -30.13 -12.82
N TRP A 185 -18.53 -29.03 -12.07
CA TRP A 185 -19.85 -28.51 -11.72
C TRP A 185 -20.61 -28.06 -12.97
N VAL A 186 -19.90 -27.45 -13.92
CA VAL A 186 -20.52 -27.07 -15.19
C VAL A 186 -21.01 -28.31 -15.93
N GLN A 187 -20.24 -29.40 -15.85
CA GLN A 187 -20.64 -30.63 -16.53
C GLN A 187 -21.96 -31.16 -15.98
N GLU A 188 -22.12 -31.16 -14.66
CA GLU A 188 -23.27 -31.79 -14.03
C GLU A 188 -24.48 -30.88 -13.89
N ASN A 189 -24.33 -29.56 -14.08
CA ASN A 189 -25.42 -28.64 -13.77
C ASN A 189 -25.73 -27.61 -14.84
N VAL A 190 -24.84 -27.36 -15.81
CA VAL A 190 -25.08 -26.26 -16.74
C VAL A 190 -26.30 -26.50 -17.61
N ALA A 191 -26.75 -27.75 -17.72
CA ALA A 191 -27.94 -28.04 -18.52
C ALA A 191 -29.19 -27.43 -17.90
N ALA A 192 -29.24 -27.36 -16.57
CA ALA A 192 -30.40 -26.78 -15.90
C ALA A 192 -30.56 -25.31 -16.21
N PHE A 193 -29.53 -24.66 -16.75
CA PHE A 193 -29.59 -23.28 -17.16
C PHE A 193 -29.77 -23.11 -18.67
N GLY A 194 -29.95 -24.22 -19.38
CA GLY A 194 -30.04 -24.18 -20.83
C GLY A 194 -28.71 -24.30 -21.55
N GLY A 195 -27.67 -24.78 -20.86
CA GLY A 195 -26.34 -24.86 -21.43
C GLY A 195 -26.00 -26.27 -21.88
N ASP A 196 -25.17 -26.34 -22.93
CA ASP A 196 -24.76 -27.61 -23.52
C ASP A 196 -23.42 -28.03 -22.91
N PRO A 197 -23.38 -29.01 -22.01
CA PRO A 197 -22.09 -29.47 -21.47
C PRO A 197 -21.19 -30.15 -22.49
N THR A 198 -21.66 -30.39 -23.72
CA THR A 198 -20.83 -30.93 -24.78
C THR A 198 -20.20 -29.84 -25.65
N SER A 199 -20.47 -28.57 -25.34
CA SER A 199 -19.90 -27.43 -26.07
C SER A 199 -19.42 -26.42 -25.02
N VAL A 200 -18.28 -26.70 -24.40
CA VAL A 200 -17.72 -25.87 -23.34
C VAL A 200 -16.41 -25.27 -23.85
N THR A 201 -16.34 -23.94 -23.89
CA THR A 201 -15.16 -23.23 -24.35
C THR A 201 -14.57 -22.45 -23.19
N LEU A 202 -13.37 -22.86 -22.76
CA LEU A 202 -12.63 -22.09 -21.76
C LEU A 202 -12.03 -20.85 -22.39
N PHE A 203 -11.99 -19.75 -21.63
CA PHE A 203 -11.22 -18.59 -22.05
C PHE A 203 -10.79 -17.81 -20.83
N GLY A 204 -9.54 -17.35 -20.85
CA GLY A 204 -8.98 -16.59 -19.75
C GLY A 204 -7.96 -15.60 -20.27
N GLU A 205 -7.49 -14.75 -19.35
CA GLU A 205 -6.51 -13.73 -19.68
C GLU A 205 -5.40 -13.76 -18.65
N SER A 206 -4.18 -13.44 -19.10
CA SER A 206 -3.00 -13.43 -18.25
C SER A 206 -2.81 -14.77 -17.55
N ALA A 207 -2.83 -14.76 -16.21
CA ALA A 207 -2.75 -16.01 -15.46
C ALA A 207 -3.96 -16.92 -15.72
N GLY A 208 -5.09 -16.35 -16.13
CA GLY A 208 -6.20 -17.18 -16.56
C GLY A 208 -5.90 -17.94 -17.83
N ALA A 209 -5.19 -17.29 -18.77
CA ALA A 209 -4.79 -17.96 -20.00
C ALA A 209 -3.80 -19.09 -19.70
N ALA A 210 -2.89 -18.88 -18.75
CA ALA A 210 -2.00 -19.95 -18.32
C ALA A 210 -2.81 -21.08 -17.68
N SER A 211 -3.84 -20.74 -16.91
CA SER A 211 -4.70 -21.76 -16.33
C SER A 211 -5.39 -22.58 -17.40
N VAL A 212 -5.94 -21.91 -18.42
CA VAL A 212 -6.57 -22.62 -19.53
C VAL A 212 -5.55 -23.54 -20.20
N GLY A 213 -4.33 -23.05 -20.40
CA GLY A 213 -3.31 -23.87 -21.03
C GLY A 213 -2.90 -25.06 -20.18
N MET A 214 -2.88 -24.89 -18.86
CA MET A 214 -2.53 -26.01 -17.99
C MET A 214 -3.65 -27.03 -17.92
N HIS A 215 -4.90 -26.61 -18.14
CA HIS A 215 -5.99 -27.58 -18.25
C HIS A 215 -5.95 -28.32 -19.57
N LEU A 216 -5.46 -27.68 -20.63
CA LEU A 216 -5.22 -28.40 -21.88
C LEU A 216 -4.20 -29.52 -21.68
N LEU A 217 -3.24 -29.33 -20.78
CA LEU A 217 -2.15 -30.27 -20.56
C LEU A 217 -2.39 -31.18 -19.36
N SER A 218 -3.57 -31.12 -18.75
CA SER A 218 -3.89 -32.02 -17.65
C SER A 218 -5.02 -32.94 -18.07
N PRO A 219 -4.77 -34.24 -18.19
CA PRO A 219 -5.81 -35.18 -18.70
C PRO A 219 -7.11 -35.10 -17.92
N PRO A 220 -7.09 -35.08 -16.58
CA PRO A 220 -8.38 -35.03 -15.86
C PRO A 220 -9.23 -33.82 -16.23
N SER A 221 -8.61 -32.66 -16.45
CA SER A 221 -9.35 -31.48 -16.87
C SER A 221 -9.66 -31.49 -18.36
N ARG A 222 -8.93 -32.29 -19.15
CA ARG A 222 -9.07 -32.23 -20.60
C ARG A 222 -10.45 -32.63 -21.06
N GLY A 223 -11.10 -33.57 -20.36
CA GLY A 223 -12.43 -34.02 -20.74
C GLY A 223 -13.58 -33.14 -20.30
N LEU A 224 -13.29 -31.94 -19.78
CA LEU A 224 -14.32 -31.05 -19.27
C LEU A 224 -14.58 -29.87 -20.20
N PHE A 225 -13.85 -29.78 -21.31
CA PHE A 225 -14.06 -28.71 -22.26
C PHE A 225 -13.62 -29.19 -23.64
N HIS A 226 -13.90 -28.36 -24.65
CA HIS A 226 -13.65 -28.76 -26.03
C HIS A 226 -12.93 -27.73 -26.87
N ARG A 227 -12.98 -26.44 -26.53
CA ARG A 227 -12.16 -25.40 -27.15
C ARG A 227 -11.46 -24.63 -26.03
N ALA A 228 -10.57 -23.73 -26.43
CA ALA A 228 -9.80 -22.97 -25.46
C ALA A 228 -9.38 -21.64 -26.08
N VAL A 229 -9.42 -20.58 -25.27
CA VAL A 229 -8.95 -19.27 -25.67
C VAL A 229 -7.95 -18.79 -24.63
N LEU A 230 -6.79 -18.35 -25.10
CA LEU A 230 -5.72 -17.88 -24.22
C LEU A 230 -5.36 -16.45 -24.61
N GLN A 231 -5.78 -15.49 -23.79
CA GLN A 231 -5.55 -14.08 -24.04
C GLN A 231 -4.35 -13.61 -23.21
N SER A 232 -3.28 -13.21 -23.89
CA SER A 232 -2.11 -12.61 -23.24
C SER A 232 -1.55 -13.50 -22.13
N GLY A 233 -1.42 -14.79 -22.43
CA GLY A 233 -0.89 -15.71 -21.44
C GLY A 233 -0.73 -17.10 -22.03
N ALA A 234 0.08 -17.90 -21.33
CA ALA A 234 0.41 -19.25 -21.74
C ALA A 234 1.03 -20.00 -20.57
N PRO A 235 0.92 -21.33 -20.52
CA PRO A 235 1.51 -22.08 -19.39
C PRO A 235 3.02 -22.25 -19.47
N ASN A 236 3.62 -22.12 -20.66
CA ASN A 236 5.03 -22.36 -20.84
C ASN A 236 5.92 -21.18 -20.48
N GLY A 237 5.34 -19.99 -20.31
CA GLY A 237 6.11 -18.80 -20.00
C GLY A 237 6.97 -18.91 -18.76
N PRO A 238 7.92 -17.99 -18.61
CA PRO A 238 8.88 -18.09 -17.49
C PRO A 238 8.28 -17.74 -16.13
N TRP A 239 7.04 -17.24 -16.07
CA TRP A 239 6.45 -16.80 -14.83
C TRP A 239 5.36 -17.72 -14.30
N ALA A 240 4.80 -18.58 -15.15
CA ALA A 240 3.56 -19.28 -14.82
C ALA A 240 3.77 -20.55 -13.98
N THR A 241 4.99 -21.06 -13.89
CA THR A 241 5.27 -22.25 -13.09
C THR A 241 6.52 -22.02 -12.25
N VAL A 242 6.84 -23.02 -11.43
CA VAL A 242 8.00 -22.95 -10.53
C VAL A 242 8.38 -24.38 -10.17
N GLY A 243 9.68 -24.59 -9.90
CA GLY A 243 10.15 -25.90 -9.53
C GLY A 243 9.83 -26.27 -8.09
N MET A 244 9.90 -27.57 -7.81
CA MET A 244 9.59 -28.07 -6.47
C MET A 244 10.50 -27.45 -5.42
N GLY A 245 11.82 -27.46 -5.67
CA GLY A 245 12.75 -26.96 -4.68
C GLY A 245 12.56 -25.48 -4.39
N GLU A 246 12.25 -24.69 -5.41
CA GLU A 246 12.00 -23.27 -5.20
C GLU A 246 10.65 -23.02 -4.55
N ALA A 247 9.64 -23.83 -4.89
CA ALA A 247 8.35 -23.72 -4.22
C ALA A 247 8.46 -24.09 -2.75
N ARG A 248 9.31 -25.07 -2.43
CA ARG A 248 9.55 -25.41 -1.03
C ARG A 248 10.29 -24.30 -0.30
N ARG A 249 11.25 -23.66 -0.97
CA ARG A 249 11.99 -22.58 -0.33
C ARG A 249 11.10 -21.39 -0.04
N ARG A 250 10.15 -21.09 -0.94
CA ARG A 250 9.26 -19.96 -0.73
C ARG A 250 8.26 -20.24 0.37
N ALA A 251 7.68 -21.44 0.38
CA ALA A 251 6.77 -21.80 1.47
C ALA A 251 7.47 -21.75 2.82
N THR A 252 8.71 -22.24 2.88
CA THR A 252 9.47 -22.16 4.12
C THR A 252 9.81 -20.72 4.46
N GLN A 253 10.09 -19.90 3.44
CA GLN A 253 10.38 -18.49 3.68
C GLN A 253 9.16 -17.76 4.23
N LEU A 254 7.97 -18.07 3.70
CA LEU A 254 6.76 -17.46 4.24
C LEU A 254 6.49 -17.90 5.67
N ALA A 255 6.72 -19.18 5.96
CA ALA A 255 6.53 -19.68 7.32
C ALA A 255 7.44 -18.96 8.30
N HIS A 256 8.71 -18.76 7.93
CA HIS A 256 9.66 -18.10 8.83
C HIS A 256 9.23 -16.67 9.12
N LEU A 257 8.72 -15.96 8.11
CA LEU A 257 8.36 -14.57 8.27
C LEU A 257 7.18 -14.37 9.22
N VAL A 258 6.32 -15.38 9.34
CA VAL A 258 5.16 -15.29 10.22
C VAL A 258 5.36 -16.10 11.51
N GLY A 259 6.59 -16.48 11.81
CA GLY A 259 6.91 -17.16 13.05
C GLY A 259 6.80 -18.66 13.03
N CYS A 260 6.71 -19.29 11.86
CA CYS A 260 6.58 -20.74 11.78
C CYS A 260 7.87 -21.38 11.26
N PRO A 261 8.36 -22.42 11.97
CA PRO A 261 7.80 -22.95 13.22
C PRO A 261 8.34 -22.17 14.42
N PRO A 262 7.69 -22.28 15.58
CA PRO A 262 8.18 -21.57 16.77
C PRO A 262 9.42 -22.27 17.33
N GLY A 263 10.52 -21.54 17.40
CA GLY A 263 11.78 -22.09 17.85
C GLY A 263 11.78 -22.58 19.28
N GLY A 264 12.40 -23.74 19.51
CA GLY A 264 13.05 -24.49 18.46
C GLY A 264 12.38 -25.81 18.14
N THR A 265 11.08 -25.76 17.87
CA THR A 265 10.33 -26.96 17.53
C THR A 265 10.68 -27.42 16.12
N GLY A 266 10.41 -28.69 15.85
CA GLY A 266 10.74 -29.27 14.56
C GLY A 266 10.00 -28.59 13.42
N GLY A 267 10.58 -28.70 12.23
CA GLY A 267 10.03 -28.05 11.06
C GLY A 267 9.76 -28.97 9.89
N ASN A 268 9.27 -30.18 10.15
CA ASN A 268 8.85 -31.04 9.05
C ASN A 268 7.54 -30.50 8.45
N ASP A 269 7.16 -31.07 7.32
CA ASP A 269 6.08 -30.49 6.52
C ASP A 269 4.76 -30.46 7.29
N THR A 270 4.50 -31.47 8.11
CA THR A 270 3.25 -31.50 8.86
C THR A 270 3.17 -30.36 9.87
N GLU A 271 4.20 -30.23 10.72
CA GLU A 271 4.19 -29.17 11.72
C GLU A 271 4.27 -27.79 11.09
N LEU A 272 4.92 -27.67 9.93
CA LEU A 272 5.06 -26.38 9.28
C LEU A 272 3.71 -25.88 8.77
N VAL A 273 2.98 -26.73 8.06
CA VAL A 273 1.64 -26.35 7.60
C VAL A 273 0.69 -26.20 8.79
N ALA A 274 0.87 -27.04 9.81
CA ALA A 274 0.04 -26.91 11.01
C ALA A 274 0.19 -25.55 11.64
N CYS A 275 1.41 -25.03 11.69
CA CYS A 275 1.61 -23.67 12.18
C CYS A 275 1.05 -22.64 11.22
N LEU A 276 1.19 -22.89 9.91
CA LEU A 276 0.65 -21.97 8.91
C LEU A 276 -0.87 -21.89 8.98
N ARG A 277 -1.53 -22.96 9.39
CA ARG A 277 -2.99 -22.97 9.45
C ARG A 277 -3.54 -22.18 10.63
N THR A 278 -2.71 -21.83 11.61
CA THR A 278 -3.15 -21.05 12.75
C THR A 278 -3.07 -19.55 12.52
N ARG A 279 -2.36 -19.11 11.48
CA ARG A 279 -2.18 -17.69 11.23
C ARG A 279 -3.43 -17.11 10.59
N PRO A 280 -3.83 -15.89 10.97
CA PRO A 280 -4.90 -15.20 10.24
C PRO A 280 -4.50 -15.03 8.78
N ALA A 281 -5.50 -15.12 7.90
CA ALA A 281 -5.23 -15.12 6.47
C ALA A 281 -4.53 -13.84 6.03
N GLN A 282 -4.87 -12.71 6.64
CA GLN A 282 -4.23 -11.45 6.27
C GLN A 282 -2.74 -11.46 6.62
N VAL A 283 -2.36 -12.14 7.71
CA VAL A 283 -0.96 -12.19 8.10
C VAL A 283 -0.12 -12.85 7.02
N LEU A 284 -0.65 -13.90 6.38
CA LEU A 284 0.07 -14.53 5.28
C LEU A 284 0.16 -13.59 4.08
N VAL A 285 -0.94 -12.88 3.77
CA VAL A 285 -0.96 -11.98 2.63
C VAL A 285 0.09 -10.89 2.79
N ASN A 286 0.27 -10.39 4.01
CA ASN A 286 1.14 -9.24 4.27
C ASN A 286 2.63 -9.55 4.07
N HIS A 287 2.99 -10.80 3.76
CA HIS A 287 4.38 -11.16 3.55
C HIS A 287 4.62 -11.86 2.21
N GLU A 288 3.62 -11.86 1.32
CA GLU A 288 3.71 -12.68 0.12
C GLU A 288 4.86 -12.25 -0.78
N TRP A 289 5.06 -10.94 -0.93
CA TRP A 289 6.11 -10.43 -1.82
C TRP A 289 7.50 -10.54 -1.21
N HIS A 290 7.61 -10.79 0.09
CA HIS A 290 8.91 -10.90 0.73
C HIS A 290 9.65 -12.18 0.38
N VAL A 291 9.01 -13.11 -0.33
CA VAL A 291 9.63 -14.40 -0.62
C VAL A 291 10.21 -14.49 -2.02
N LEU A 292 9.96 -13.50 -2.88
CA LEU A 292 10.57 -13.51 -4.19
C LEU A 292 12.09 -13.44 -4.05
N PRO A 293 12.84 -14.24 -4.82
CA PRO A 293 14.30 -14.30 -4.63
C PRO A 293 15.00 -13.00 -4.99
N GLN A 294 14.73 -12.44 -6.17
CA GLN A 294 15.41 -11.24 -6.63
C GLN A 294 14.38 -10.19 -7.01
N GLU A 295 14.87 -8.95 -7.17
CA GLU A 295 14.03 -7.87 -7.66
C GLU A 295 13.64 -8.14 -9.11
N SER A 296 12.36 -7.93 -9.42
CA SER A 296 11.87 -8.31 -10.73
C SER A 296 10.52 -7.64 -11.00
N VAL A 297 10.14 -7.67 -12.27
CA VAL A 297 8.77 -7.45 -12.70
C VAL A 297 8.30 -8.74 -13.36
N PHE A 298 6.98 -8.96 -13.32
CA PHE A 298 6.36 -10.12 -13.96
C PHE A 298 6.81 -11.43 -13.31
N ARG A 299 7.04 -11.41 -12.00
CA ARG A 299 7.37 -12.60 -11.23
C ARG A 299 6.54 -12.62 -9.96
N PHE A 300 5.99 -13.79 -9.62
CA PHE A 300 5.03 -13.91 -8.54
C PHE A 300 5.42 -15.07 -7.62
N SER A 301 4.99 -14.96 -6.37
CA SER A 301 5.52 -15.81 -5.31
C SER A 301 4.96 -17.23 -5.37
N PHE A 302 3.65 -17.37 -5.48
CA PHE A 302 3.00 -18.68 -5.41
C PHE A 302 2.24 -18.93 -6.70
N VAL A 303 2.83 -19.75 -7.57
CA VAL A 303 2.31 -20.06 -8.89
C VAL A 303 2.19 -21.57 -9.00
N PRO A 304 1.56 -22.12 -10.04
CA PRO A 304 1.50 -23.57 -10.19
C PRO A 304 2.87 -24.21 -10.17
N VAL A 305 2.98 -25.33 -9.46
CA VAL A 305 4.25 -26.04 -9.30
C VAL A 305 4.24 -27.28 -10.18
N VAL A 306 5.42 -27.66 -10.66
CA VAL A 306 5.59 -28.86 -11.49
C VAL A 306 5.90 -30.00 -10.52
N ASP A 307 4.85 -30.64 -10.03
CA ASP A 307 4.97 -31.69 -9.03
C ASP A 307 5.05 -33.09 -9.62
N GLY A 308 4.68 -33.26 -10.88
CA GLY A 308 4.42 -34.58 -11.42
C GLY A 308 3.01 -35.06 -11.21
N ASP A 309 2.15 -34.23 -10.61
CA ASP A 309 0.76 -34.59 -10.32
C ASP A 309 -0.18 -33.92 -11.30
N PHE A 310 -0.55 -32.66 -11.04
CA PHE A 310 -1.41 -31.93 -11.97
C PHE A 310 -0.74 -31.78 -13.33
N LEU A 311 0.58 -31.60 -13.34
CA LEU A 311 1.37 -31.52 -14.56
C LEU A 311 2.35 -32.68 -14.57
N SER A 312 2.19 -33.58 -15.54
CA SER A 312 3.05 -34.75 -15.64
C SER A 312 4.51 -34.34 -15.77
N ASP A 313 4.77 -33.29 -16.55
CA ASP A 313 6.11 -32.73 -16.69
C ASP A 313 5.96 -31.22 -16.79
N THR A 314 7.03 -30.54 -17.17
CA THR A 314 6.95 -29.11 -17.41
C THR A 314 5.94 -28.84 -18.52
N PRO A 315 5.29 -27.68 -18.50
CA PRO A 315 4.41 -27.32 -19.63
C PRO A 315 5.12 -27.38 -20.97
N GLU A 316 6.38 -26.91 -21.02
CA GLU A 316 7.14 -26.96 -22.27
C GLU A 316 7.27 -28.39 -22.78
N ALA A 317 7.57 -29.34 -21.89
CA ALA A 317 7.69 -30.73 -22.31
C ALA A 317 6.37 -31.27 -22.82
N LEU A 318 5.28 -31.02 -22.09
CA LEU A 318 3.98 -31.54 -22.48
C LEU A 318 3.50 -30.93 -23.79
N ILE A 319 3.81 -29.66 -24.03
CA ILE A 319 3.43 -29.04 -25.30
C ILE A 319 4.18 -29.68 -26.46
N ASN A 320 5.44 -30.04 -26.24
CA ASN A 320 6.25 -30.62 -27.31
C ASN A 320 5.79 -32.04 -27.64
N ALA A 321 5.50 -32.84 -26.62
CA ALA A 321 5.14 -34.24 -26.81
C ALA A 321 3.63 -34.46 -26.91
N GLY A 322 2.86 -33.41 -27.15
CA GLY A 322 1.41 -33.48 -27.08
C GLY A 322 0.76 -33.65 -28.43
N ASP A 323 -0.20 -34.56 -28.49
CA ASP A 323 -1.09 -34.73 -29.63
C ASP A 323 -2.35 -33.90 -29.38
N PHE A 324 -2.62 -32.94 -30.25
CA PHE A 324 -3.70 -31.98 -30.07
C PHE A 324 -4.73 -32.04 -31.20
N HIS A 325 -4.83 -33.19 -31.86
CA HIS A 325 -5.84 -33.35 -32.91
C HIS A 325 -7.24 -33.25 -32.31
N GLY A 326 -8.15 -32.66 -33.08
CA GLY A 326 -9.50 -32.44 -32.61
C GLY A 326 -9.65 -31.25 -31.68
N LEU A 327 -8.61 -30.43 -31.53
CA LEU A 327 -8.64 -29.27 -30.65
C LEU A 327 -8.59 -28.00 -31.49
N GLN A 328 -9.37 -27.00 -31.10
CA GLN A 328 -9.36 -25.69 -31.71
C GLN A 328 -9.05 -24.65 -30.65
N VAL A 329 -8.03 -23.83 -30.90
CA VAL A 329 -7.56 -22.84 -29.93
C VAL A 329 -7.60 -21.46 -30.56
N LEU A 330 -8.01 -20.48 -29.76
CA LEU A 330 -7.89 -19.07 -30.10
C LEU A 330 -6.87 -18.45 -29.15
N VAL A 331 -5.83 -17.82 -29.71
CA VAL A 331 -4.77 -17.21 -28.91
C VAL A 331 -4.50 -15.81 -29.43
N GLY A 332 -3.87 -15.00 -28.59
CA GLY A 332 -3.54 -13.65 -29.00
C GLY A 332 -2.93 -12.87 -27.86
N VAL A 333 -2.55 -11.63 -28.18
CA VAL A 333 -1.90 -10.72 -27.25
C VAL A 333 -2.37 -9.31 -27.58
N VAL A 334 -2.01 -8.36 -26.71
CA VAL A 334 -2.24 -6.95 -26.98
C VAL A 334 -0.97 -6.36 -27.57
N LYS A 335 -1.05 -5.11 -28.03
CA LYS A 335 0.06 -4.51 -28.77
C LYS A 335 1.26 -4.27 -27.87
N ASP A 336 1.04 -3.84 -26.63
CA ASP A 336 2.11 -3.47 -25.70
C ASP A 336 1.97 -4.30 -24.44
N GLU A 337 2.38 -5.57 -24.52
CA GLU A 337 2.22 -6.49 -23.40
C GLU A 337 3.08 -6.14 -22.20
N GLY A 338 4.18 -5.40 -22.38
CA GLY A 338 5.11 -5.20 -21.29
C GLY A 338 5.08 -3.83 -20.61
N SER A 339 4.37 -2.87 -21.22
CA SER A 339 4.41 -1.50 -20.70
C SER A 339 3.79 -1.38 -19.32
N TYR A 340 2.74 -2.17 -19.02
CA TYR A 340 2.09 -2.08 -17.72
C TYR A 340 3.05 -2.40 -16.58
N PHE A 341 3.91 -3.41 -16.77
CA PHE A 341 4.74 -3.93 -15.70
C PHE A 341 5.96 -3.05 -15.41
N LEU A 342 6.26 -2.08 -16.27
CA LEU A 342 7.49 -1.31 -16.09
C LEU A 342 7.40 -0.34 -14.92
N VAL A 343 6.20 0.17 -14.62
CA VAL A 343 6.04 1.06 -13.47
C VAL A 343 6.04 0.33 -12.15
N TYR A 344 6.22 -1.00 -12.16
CA TYR A 344 6.25 -1.80 -10.94
C TYR A 344 7.66 -2.29 -10.60
N GLY A 345 8.69 -1.51 -10.93
CA GLY A 345 10.03 -1.89 -10.53
C GLY A 345 11.15 -1.49 -11.47
N ALA A 346 10.82 -1.09 -12.69
CA ALA A 346 11.86 -0.70 -13.63
C ALA A 346 12.33 0.72 -13.32
N PRO A 347 13.64 0.94 -13.18
CA PRO A 347 14.11 2.27 -12.77
C PRO A 347 13.84 3.33 -13.83
N GLY A 348 13.46 4.51 -13.36
CA GLY A 348 13.15 5.63 -14.23
C GLY A 348 11.73 5.66 -14.76
N PHE A 349 10.91 4.67 -14.43
CA PHE A 349 9.55 4.59 -14.96
C PHE A 349 8.54 5.13 -13.96
N SER A 350 7.56 5.87 -14.47
CA SER A 350 6.50 6.44 -13.68
C SER A 350 5.28 6.61 -14.58
N LYS A 351 4.10 6.27 -14.07
CA LYS A 351 2.90 6.43 -14.87
C LYS A 351 2.52 7.89 -15.08
N ASP A 352 3.10 8.82 -14.32
CA ASP A 352 2.69 10.22 -14.35
C ASP A 352 3.68 11.11 -15.09
N ASN A 353 4.64 10.53 -15.82
CA ASN A 353 5.47 11.29 -16.75
C ASN A 353 5.73 10.42 -17.98
N GLU A 354 6.60 10.91 -18.86
CA GLU A 354 6.84 10.25 -20.15
C GLU A 354 7.73 9.03 -20.03
N SER A 355 8.40 8.83 -18.89
CA SER A 355 9.30 7.68 -18.68
C SER A 355 10.36 7.61 -19.78
N LEU A 356 10.88 8.76 -20.17
CA LEU A 356 11.96 8.84 -21.16
C LEU A 356 13.26 8.48 -20.44
N ILE A 357 13.55 7.18 -20.39
CA ILE A 357 14.63 6.66 -19.56
C ILE A 357 15.98 6.88 -20.22
N SER A 358 17.05 6.72 -19.46
CA SER A 358 18.41 6.84 -19.95
C SER A 358 18.94 5.47 -20.37
N ARG A 359 20.14 5.47 -20.95
CA ARG A 359 20.77 4.22 -21.34
C ARG A 359 21.13 3.38 -20.12
N ALA A 360 21.62 4.03 -19.04
CA ALA A 360 21.94 3.30 -17.83
C ALA A 360 20.68 2.71 -17.21
N GLU A 361 19.56 3.45 -17.25
CA GLU A 361 18.31 2.90 -16.74
C GLU A 361 17.81 1.75 -17.59
N PHE A 362 17.96 1.86 -18.92
CA PHE A 362 17.60 0.75 -19.79
C PHE A 362 18.39 -0.50 -19.44
N LEU A 363 19.71 -0.36 -19.31
CA LEU A 363 20.55 -1.51 -18.97
C LEU A 363 20.23 -2.03 -17.57
N ALA A 364 19.87 -1.14 -16.65
CA ALA A 364 19.47 -1.60 -15.32
C ALA A 364 18.13 -2.31 -15.36
N GLY A 365 17.19 -1.81 -16.16
CA GLY A 365 15.88 -2.43 -16.24
C GLY A 365 15.90 -3.80 -16.87
N VAL A 366 16.84 -4.05 -17.78
CA VAL A 366 16.93 -5.36 -18.43
C VAL A 366 17.20 -6.45 -17.39
N ARG A 367 18.02 -6.13 -16.37
CA ARG A 367 18.28 -7.10 -15.32
C ARG A 367 17.08 -7.29 -14.40
N VAL A 368 16.13 -6.36 -14.40
CA VAL A 368 14.90 -6.52 -13.63
C VAL A 368 13.80 -7.15 -14.48
N GLY A 369 13.70 -6.75 -15.74
CA GLY A 369 12.74 -7.39 -16.64
C GLY A 369 13.13 -8.80 -17.02
N VAL A 370 14.43 -9.08 -17.08
CA VAL A 370 14.92 -10.43 -17.32
C VAL A 370 15.78 -10.84 -16.14
N PRO A 371 15.19 -11.21 -15.00
CA PRO A 371 15.98 -11.60 -13.84
C PRO A 371 16.46 -13.03 -13.97
N GLN A 372 17.40 -13.40 -13.10
CA GLN A 372 17.88 -14.77 -12.95
C GLN A 372 18.69 -15.26 -14.17
N VAL A 373 19.36 -14.35 -14.88
CA VAL A 373 20.15 -14.72 -16.04
C VAL A 373 21.57 -14.18 -15.89
N SER A 374 22.50 -14.81 -16.61
CA SER A 374 23.89 -14.42 -16.55
C SER A 374 24.11 -13.08 -17.24
N ASP A 375 25.31 -12.51 -17.03
CA ASP A 375 25.63 -11.21 -17.62
C ASP A 375 25.79 -11.31 -19.13
N LEU A 376 26.30 -12.44 -19.63
CA LEU A 376 26.38 -12.64 -21.08
C LEU A 376 24.99 -12.72 -21.69
N ALA A 377 24.06 -13.39 -21.03
CA ALA A 377 22.68 -13.44 -21.51
C ALA A 377 22.07 -12.06 -21.56
N ALA A 378 22.33 -11.23 -20.55
CA ALA A 378 21.84 -9.86 -20.56
C ALA A 378 22.43 -9.07 -21.72
N GLU A 379 23.71 -9.28 -22.01
CA GLU A 379 24.35 -8.60 -23.13
C GLU A 379 23.68 -8.97 -24.45
N ALA A 380 23.32 -10.24 -24.61
CA ALA A 380 22.60 -10.66 -25.82
C ALA A 380 21.25 -9.98 -25.91
N VAL A 381 20.56 -9.83 -24.79
CA VAL A 381 19.28 -9.12 -24.78
C VAL A 381 19.48 -7.67 -25.19
N VAL A 382 20.54 -7.03 -24.68
CA VAL A 382 20.81 -5.64 -25.01
C VAL A 382 21.18 -5.50 -26.49
N LEU A 383 21.95 -6.46 -27.02
CA LEU A 383 22.27 -6.43 -28.44
C LEU A 383 21.01 -6.49 -29.30
N HIS A 384 20.09 -7.38 -28.95
CA HIS A 384 18.93 -7.61 -29.79
C HIS A 384 17.94 -6.46 -29.74
N TYR A 385 17.90 -5.72 -28.63
CA TYR A 385 16.89 -4.68 -28.43
C TYR A 385 17.44 -3.27 -28.48
N THR A 386 18.74 -3.09 -28.76
CA THR A 386 19.30 -1.77 -28.96
C THR A 386 19.22 -1.41 -30.45
N ASP A 387 18.71 -0.21 -30.73
CA ASP A 387 18.85 0.38 -32.06
C ASP A 387 20.24 1.01 -32.12
N TRP A 388 21.15 0.39 -32.86
CA TRP A 388 22.55 0.82 -32.80
C TRP A 388 22.83 2.08 -33.61
N LEU A 389 21.88 2.55 -34.42
CA LEU A 389 21.98 3.89 -34.98
C LEU A 389 21.48 4.95 -34.01
N HIS A 390 20.71 4.55 -33.00
CA HIS A 390 20.20 5.46 -31.96
C HIS A 390 20.28 4.77 -30.61
N PRO A 391 21.48 4.39 -30.17
CA PRO A 391 21.60 3.57 -28.95
C PRO A 391 21.14 4.26 -27.67
N GLU A 392 20.77 5.55 -27.69
CA GLU A 392 20.44 6.25 -26.46
C GLU A 392 19.23 7.19 -26.60
N ASP A 393 18.42 7.01 -27.63
CA ASP A 393 17.17 7.76 -27.73
C ASP A 393 16.24 7.29 -26.64
N PRO A 394 15.83 8.17 -25.71
CA PRO A 394 15.01 7.71 -24.58
C PRO A 394 13.70 7.07 -25.00
N ALA A 395 13.01 7.64 -25.99
CA ALA A 395 11.74 7.07 -26.42
C ALA A 395 11.90 5.65 -26.95
N ARG A 396 12.99 5.39 -27.68
CA ARG A 396 13.21 4.05 -28.20
C ARG A 396 13.65 3.09 -27.10
N LEU A 397 14.45 3.57 -26.14
CA LEU A 397 14.80 2.73 -25.00
C LEU A 397 13.57 2.34 -24.19
N ARG A 398 12.57 3.21 -24.14
CA ARG A 398 11.34 2.91 -23.42
C ARG A 398 10.56 1.81 -24.13
N GLU A 399 10.38 1.94 -25.44
CA GLU A 399 9.71 0.89 -26.21
C GLU A 399 10.47 -0.42 -26.14
N ALA A 400 11.81 -0.35 -26.16
CA ALA A 400 12.62 -1.56 -26.20
C ALA A 400 12.46 -2.38 -24.92
N LEU A 401 12.55 -1.71 -23.76
CA LEU A 401 12.37 -2.44 -22.51
C LEU A 401 10.95 -2.98 -22.40
N SER A 402 9.96 -2.22 -22.90
CA SER A 402 8.60 -2.75 -22.98
C SER A 402 8.54 -3.99 -23.85
N ASP A 403 9.26 -3.98 -24.98
CA ASP A 403 9.34 -5.17 -25.82
C ASP A 403 10.07 -6.30 -25.10
N VAL A 404 11.11 -5.96 -24.34
CA VAL A 404 11.86 -6.98 -23.61
C VAL A 404 10.96 -7.73 -22.64
N VAL A 405 10.24 -6.99 -21.78
CA VAL A 405 9.34 -7.62 -20.83
C VAL A 405 8.19 -8.31 -21.54
N GLY A 406 7.66 -7.67 -22.60
CA GLY A 406 6.52 -8.24 -23.29
C GLY A 406 6.87 -9.51 -24.06
N ASP A 407 7.91 -9.45 -24.88
CA ASP A 407 8.30 -10.62 -25.67
C ASP A 407 8.73 -11.78 -24.77
N HIS A 408 9.50 -11.48 -23.73
CA HIS A 408 10.03 -12.54 -22.87
C HIS A 408 8.92 -13.25 -22.10
N ASN A 409 7.92 -12.51 -21.64
CA ASN A 409 6.90 -13.08 -20.76
C ASN A 409 5.63 -13.50 -21.47
N VAL A 410 5.21 -12.81 -22.53
CA VAL A 410 3.91 -13.07 -23.12
C VAL A 410 4.03 -13.46 -24.59
N VAL A 411 4.58 -12.56 -25.41
CA VAL A 411 4.45 -12.68 -26.86
C VAL A 411 5.12 -13.95 -27.39
N CYS A 412 6.29 -14.28 -26.83
CA CYS A 412 7.03 -15.41 -27.38
C CYS A 412 6.60 -16.75 -26.78
N PRO A 413 6.29 -16.85 -25.49
CA PRO A 413 5.68 -18.09 -25.00
C PRO A 413 4.37 -18.41 -25.70
N VAL A 414 3.57 -17.39 -26.02
CA VAL A 414 2.33 -17.62 -26.75
C VAL A 414 2.61 -18.11 -28.16
N ALA A 415 3.51 -17.42 -28.88
CA ALA A 415 3.87 -17.85 -30.22
C ALA A 415 4.51 -19.23 -30.20
N GLN A 416 5.32 -19.50 -29.18
CA GLN A 416 5.87 -20.85 -29.00
C GLN A 416 4.75 -21.87 -28.88
N LEU A 417 3.72 -21.55 -28.09
CA LEU A 417 2.58 -22.46 -27.94
C LEU A 417 1.77 -22.53 -29.23
N ALA A 418 1.51 -21.38 -29.85
CA ALA A 418 0.65 -21.34 -31.03
C ALA A 418 1.22 -22.19 -32.16
N GLY A 419 2.51 -22.07 -32.43
CA GLY A 419 3.11 -22.86 -33.49
C GLY A 419 3.16 -24.34 -33.19
N ARG A 420 3.50 -24.70 -31.95
CA ARG A 420 3.57 -26.12 -31.58
C ARG A 420 2.19 -26.77 -31.58
N LEU A 421 1.13 -25.98 -31.36
CA LEU A 421 -0.22 -26.56 -31.38
C LEU A 421 -0.68 -26.81 -32.81
N ALA A 422 -0.54 -25.81 -33.69
CA ALA A 422 -0.95 -25.97 -35.07
C ALA A 422 -0.16 -27.07 -35.77
N ALA A 423 1.10 -27.26 -35.39
CA ALA A 423 1.92 -28.30 -36.01
C ALA A 423 1.52 -29.69 -35.56
N GLN A 424 1.01 -29.81 -34.33
CA GLN A 424 0.76 -31.12 -33.73
C GLN A 424 -0.72 -31.48 -33.64
N GLY A 425 -1.55 -30.96 -34.54
CA GLY A 425 -2.93 -31.42 -34.67
C GLY A 425 -3.99 -30.36 -34.44
N ALA A 426 -3.71 -29.30 -33.69
CA ALA A 426 -4.74 -28.34 -33.31
C ALA A 426 -4.97 -27.31 -34.40
N ARG A 427 -6.22 -26.85 -34.51
CA ARG A 427 -6.57 -25.72 -35.35
C ARG A 427 -6.47 -24.45 -34.50
N VAL A 428 -5.73 -23.46 -34.99
CA VAL A 428 -5.34 -22.32 -34.18
C VAL A 428 -5.68 -21.02 -34.93
N TYR A 429 -6.25 -20.07 -34.19
CA TYR A 429 -6.46 -18.72 -34.67
C TYR A 429 -5.69 -17.75 -33.77
N ALA A 430 -5.07 -16.74 -34.36
CA ALA A 430 -4.19 -15.84 -33.64
C ALA A 430 -4.58 -14.39 -33.93
N TYR A 431 -4.47 -13.55 -32.90
CA TYR A 431 -4.81 -12.14 -33.03
C TYR A 431 -3.79 -11.29 -32.31
N VAL A 432 -3.82 -9.99 -32.61
CA VAL A 432 -3.10 -8.98 -31.84
C VAL A 432 -4.04 -7.80 -31.66
N PHE A 433 -4.38 -7.48 -30.42
CA PHE A 433 -5.33 -6.42 -30.13
C PHE A 433 -4.62 -5.08 -30.18
N GLU A 434 -5.06 -4.21 -31.09
CA GLU A 434 -4.36 -2.95 -31.35
C GLU A 434 -5.20 -1.72 -31.10
N HIS A 435 -6.39 -1.85 -30.52
CA HIS A 435 -7.20 -0.69 -30.18
C HIS A 435 -6.96 -0.29 -28.74
N ARG A 436 -6.65 0.98 -28.53
CA ARG A 436 -6.50 1.56 -27.20
C ARG A 436 -7.81 2.22 -26.82
N ALA A 437 -8.40 1.79 -25.70
CA ALA A 437 -9.69 2.30 -25.29
C ALA A 437 -9.65 3.82 -25.15
N SER A 438 -10.70 4.48 -25.66
CA SER A 438 -10.77 5.93 -25.57
C SER A 438 -10.84 6.41 -24.13
N THR A 439 -11.28 5.56 -23.21
CA THR A 439 -11.40 5.90 -21.80
C THR A 439 -10.24 5.35 -20.96
N LEU A 440 -9.15 4.93 -21.61
CA LEU A 440 -8.02 4.36 -20.88
C LEU A 440 -7.36 5.43 -20.02
N SER A 441 -7.12 5.09 -18.75
CA SER A 441 -6.58 6.04 -17.79
C SER A 441 -5.06 5.97 -17.63
N TRP A 442 -4.44 4.87 -18.05
CA TRP A 442 -2.99 4.78 -18.05
C TRP A 442 -2.42 5.77 -19.08
N PRO A 443 -1.17 6.20 -18.90
CA PRO A 443 -0.59 7.17 -19.83
C PRO A 443 -0.47 6.58 -21.23
N LEU A 444 -0.41 7.49 -22.22
CA LEU A 444 -0.45 7.05 -23.60
C LEU A 444 0.83 6.32 -24.01
N TRP A 445 1.96 6.61 -23.36
CA TRP A 445 3.19 5.90 -23.71
C TRP A 445 3.09 4.41 -23.42
N MET A 446 2.10 3.98 -22.64
CA MET A 446 1.88 2.56 -22.44
C MET A 446 1.14 1.91 -23.61
N GLY A 447 0.57 2.70 -24.50
CA GLY A 447 -0.14 2.15 -25.66
C GLY A 447 -1.35 1.33 -25.30
N VAL A 448 -1.34 0.07 -25.73
CA VAL A 448 -2.41 -0.87 -25.41
C VAL A 448 -1.87 -1.85 -24.37
N PRO A 449 -2.08 -1.60 -23.08
CA PRO A 449 -1.40 -2.38 -22.05
C PRO A 449 -2.03 -3.77 -21.86
N HIS A 450 -1.30 -4.58 -21.11
CA HIS A 450 -1.77 -5.89 -20.67
C HIS A 450 -3.12 -5.79 -19.97
N GLY A 451 -4.11 -6.51 -20.49
CA GLY A 451 -5.40 -6.64 -19.83
C GLY A 451 -6.50 -5.75 -20.34
N TYR A 452 -6.22 -4.85 -21.27
CA TYR A 452 -7.21 -3.86 -21.71
C TYR A 452 -7.83 -4.21 -23.07
N GLU A 453 -7.89 -5.50 -23.38
CA GLU A 453 -8.84 -5.99 -24.37
C GLU A 453 -10.05 -6.67 -23.72
N ILE A 454 -9.94 -6.98 -22.42
CA ILE A 454 -11.00 -7.74 -21.74
C ILE A 454 -12.32 -6.97 -21.77
N GLU A 455 -12.26 -5.66 -21.51
CA GLU A 455 -13.47 -4.85 -21.45
C GLU A 455 -14.21 -4.81 -22.80
N PHE A 456 -13.51 -5.06 -23.90
CA PHE A 456 -14.15 -5.14 -25.20
C PHE A 456 -14.68 -6.54 -25.50
N ILE A 457 -14.00 -7.58 -25.01
CA ILE A 457 -14.50 -8.94 -25.17
C ILE A 457 -15.81 -9.13 -24.41
N PHE A 458 -15.91 -8.52 -23.22
CA PHE A 458 -17.09 -8.64 -22.38
C PHE A 458 -18.17 -7.61 -22.73
N GLY A 459 -18.01 -6.84 -23.80
CA GLY A 459 -19.03 -5.92 -24.24
C GLY A 459 -19.32 -4.77 -23.29
N ILE A 460 -18.34 -4.39 -22.46
CA ILE A 460 -18.54 -3.29 -21.51
C ILE A 460 -18.96 -1.99 -22.18
N PRO A 461 -18.44 -1.61 -23.39
CA PRO A 461 -18.91 -0.37 -24.03
C PRO A 461 -20.42 -0.24 -24.19
N LEU A 462 -21.13 -1.36 -24.16
CA LEU A 462 -22.58 -1.30 -24.29
C LEU A 462 -23.25 -0.77 -23.02
N ASP A 463 -22.54 -0.72 -21.91
CA ASP A 463 -23.08 -0.16 -20.67
C ASP A 463 -23.41 1.32 -20.89
N PRO A 464 -24.66 1.73 -20.71
CA PRO A 464 -25.00 3.15 -20.94
C PRO A 464 -24.39 4.11 -19.94
N SER A 465 -23.94 3.62 -18.78
CA SER A 465 -23.32 4.48 -17.79
C SER A 465 -21.87 4.82 -18.11
N ARG A 466 -21.27 4.18 -19.10
CA ARG A 466 -19.90 4.42 -19.49
C ARG A 466 -19.83 5.38 -20.67
N ASN A 467 -18.64 5.89 -20.93
CA ASN A 467 -18.43 6.95 -21.93
C ASN A 467 -17.64 6.47 -23.14
N TYR A 468 -17.82 5.21 -23.53
CA TYR A 468 -17.21 4.74 -24.77
C TYR A 468 -17.88 5.41 -25.97
N THR A 469 -17.16 5.40 -27.09
CA THR A 469 -17.67 6.04 -28.31
C THR A 469 -18.55 5.07 -29.09
N ALA A 470 -19.20 5.59 -30.12
CA ALA A 470 -20.09 4.77 -30.95
C ALA A 470 -19.31 3.70 -31.69
N GLU A 471 -18.14 4.03 -32.23
CA GLU A 471 -17.34 3.05 -32.97
C GLU A 471 -16.84 1.95 -32.07
N GLU A 472 -16.53 2.26 -30.80
CA GLU A 472 -16.06 1.24 -29.87
C GLU A 472 -17.17 0.26 -29.51
N LYS A 473 -18.43 0.72 -29.49
CA LYS A 473 -19.54 -0.18 -29.25
C LYS A 473 -19.70 -1.17 -30.41
N ILE A 474 -19.68 -0.66 -31.64
CA ILE A 474 -19.72 -1.53 -32.81
C ILE A 474 -18.54 -2.49 -32.81
N PHE A 475 -17.37 -1.99 -32.43
CA PHE A 475 -16.18 -2.84 -32.35
C PHE A 475 -16.31 -3.90 -31.27
N ALA A 476 -16.95 -3.56 -30.15
CA ALA A 476 -17.18 -4.56 -29.11
C ALA A 476 -18.13 -5.65 -29.58
N GLN A 477 -19.07 -5.32 -30.47
CA GLN A 477 -19.99 -6.33 -30.98
C GLN A 477 -19.30 -7.29 -31.93
N ARG A 478 -18.38 -6.78 -32.75
CA ARG A 478 -17.57 -7.65 -33.60
C ARG A 478 -16.82 -8.69 -32.77
N LEU A 479 -16.23 -8.25 -31.66
CA LEU A 479 -15.40 -9.15 -30.86
C LEU A 479 -16.23 -10.24 -30.18
N MET A 480 -17.38 -9.86 -29.62
CA MET A 480 -18.25 -10.88 -29.02
C MET A 480 -18.75 -11.87 -30.06
N ARG A 481 -18.95 -11.41 -31.30
CA ARG A 481 -19.30 -12.33 -32.38
C ARG A 481 -18.16 -13.30 -32.66
N TYR A 482 -16.94 -12.78 -32.78
CA TYR A 482 -15.78 -13.65 -32.98
C TYR A 482 -15.69 -14.70 -31.88
N TRP A 483 -15.76 -14.27 -30.62
CA TRP A 483 -15.61 -15.19 -29.51
C TRP A 483 -16.76 -16.19 -29.45
N ALA A 484 -17.98 -15.75 -29.79
CA ALA A 484 -19.13 -16.64 -29.76
C ALA A 484 -19.09 -17.62 -30.94
N ASN A 485 -18.80 -17.11 -32.14
CA ASN A 485 -18.65 -17.98 -33.30
C ASN A 485 -17.62 -19.06 -33.03
N PHE A 486 -16.51 -18.72 -32.38
CA PHE A 486 -15.51 -19.71 -32.03
C PHE A 486 -16.04 -20.67 -30.98
N ALA A 487 -16.77 -20.17 -29.99
CA ALA A 487 -17.35 -21.06 -28.98
C ALA A 487 -18.38 -22.00 -29.59
N ARG A 488 -19.18 -21.50 -30.54
CA ARG A 488 -20.19 -22.34 -31.17
C ARG A 488 -19.56 -23.32 -32.15
N THR A 489 -18.78 -22.81 -33.10
CA THR A 489 -18.32 -23.61 -34.24
C THR A 489 -16.87 -24.06 -34.15
N GLY A 490 -16.04 -23.39 -33.35
CA GLY A 490 -14.62 -23.63 -33.37
C GLY A 490 -13.86 -22.78 -34.37
N ASP A 491 -14.52 -21.79 -34.97
CA ASP A 491 -13.96 -20.91 -35.97
C ASP A 491 -14.61 -19.53 -35.82
N PRO A 492 -13.81 -18.49 -35.58
CA PRO A 492 -14.40 -17.16 -35.30
C PRO A 492 -15.06 -16.51 -36.51
N ASN A 493 -14.86 -17.04 -37.70
CA ASN A 493 -15.47 -16.43 -38.89
C ASN A 493 -16.97 -16.69 -38.92
N GLU A 494 -17.72 -15.70 -39.36
CA GLU A 494 -19.17 -15.83 -39.43
C GLU A 494 -19.52 -16.94 -40.42
N PRO A 495 -20.43 -17.85 -40.06
CA PRO A 495 -20.54 -19.12 -40.81
C PRO A 495 -20.88 -18.96 -42.29
N ARG A 496 -21.93 -18.20 -42.61
CA ARG A 496 -22.40 -18.07 -43.98
C ARG A 496 -22.09 -16.72 -44.59
N ASP A 497 -21.15 -15.96 -44.01
CA ASP A 497 -20.91 -14.60 -44.45
C ASP A 497 -19.66 -14.53 -45.31
N PRO A 498 -19.78 -14.32 -46.62
CA PRO A 498 -18.59 -14.01 -47.44
C PRO A 498 -18.28 -12.53 -47.54
N LYS A 499 -19.23 -11.67 -47.15
CA LYS A 499 -18.98 -10.23 -47.19
C LYS A 499 -17.91 -9.81 -46.19
N ALA A 500 -17.85 -10.49 -45.03
CA ALA A 500 -16.97 -10.08 -43.95
C ALA A 500 -15.53 -10.46 -44.26
N PRO A 501 -14.57 -9.59 -43.96
CA PRO A 501 -13.15 -9.98 -44.07
C PRO A 501 -12.85 -11.17 -43.17
N GLN A 502 -12.12 -12.13 -43.71
CA GLN A 502 -11.98 -13.44 -43.08
C GLN A 502 -10.67 -13.56 -42.30
N TRP A 503 -10.70 -14.48 -41.33
CA TRP A 503 -9.65 -14.65 -40.32
C TRP A 503 -8.95 -15.98 -40.56
N PRO A 504 -7.78 -15.99 -41.19
CA PRO A 504 -7.15 -17.26 -41.56
C PRO A 504 -6.57 -17.95 -40.34
N PRO A 505 -6.56 -19.28 -40.32
CA PRO A 505 -5.92 -20.00 -39.21
C PRO A 505 -4.42 -19.75 -39.16
N TYR A 506 -3.85 -20.02 -37.99
CA TYR A 506 -2.44 -19.84 -37.73
C TYR A 506 -1.74 -21.19 -37.91
N THR A 507 -0.75 -21.22 -38.80
CA THR A 507 0.05 -22.41 -39.05
C THR A 507 1.50 -22.18 -38.63
N ALA A 508 2.25 -23.26 -38.51
CA ALA A 508 3.64 -23.15 -38.08
C ALA A 508 4.51 -22.50 -39.14
N GLY A 509 4.13 -22.62 -40.42
CA GLY A 509 4.91 -22.06 -41.50
C GLY A 509 4.46 -20.67 -41.92
N ALA A 510 3.17 -20.52 -42.23
CA ALA A 510 2.67 -19.22 -42.63
C ALA A 510 2.57 -18.26 -41.45
N GLN A 511 2.18 -18.77 -40.27
CA GLN A 511 2.12 -17.98 -39.03
C GLN A 511 1.25 -16.73 -39.21
N GLN A 512 0.04 -16.94 -39.73
CA GLN A 512 -0.87 -15.84 -40.02
C GLN A 512 -1.70 -15.49 -38.79
N TYR A 513 -1.79 -14.19 -38.50
CA TYR A 513 -2.62 -13.68 -37.43
C TYR A 513 -3.34 -12.43 -37.95
N VAL A 514 -4.27 -11.92 -37.14
CA VAL A 514 -5.06 -10.77 -37.52
C VAL A 514 -4.94 -9.69 -36.44
N SER A 515 -5.08 -8.44 -36.85
CA SER A 515 -5.11 -7.31 -35.93
C SER A 515 -6.55 -6.92 -35.67
N LEU A 516 -6.90 -6.82 -34.39
CA LEU A 516 -8.26 -6.46 -33.97
C LEU A 516 -8.27 -5.00 -33.54
N ASP A 517 -8.99 -4.17 -34.29
CA ASP A 517 -9.18 -2.77 -33.91
C ASP A 517 -10.40 -2.24 -34.68
N LEU A 518 -10.55 -0.92 -34.71
CA LEU A 518 -11.72 -0.32 -35.36
C LEU A 518 -11.76 -0.61 -36.85
N ARG A 519 -10.58 -0.74 -37.48
CA ARG A 519 -10.52 -1.06 -38.89
C ARG A 519 -10.95 -2.52 -39.12
N PRO A 520 -11.36 -2.86 -40.34
CA PRO A 520 -11.62 -4.26 -40.66
C PRO A 520 -10.39 -5.12 -40.46
N LEU A 521 -10.62 -6.43 -40.41
CA LEU A 521 -9.53 -7.38 -40.14
C LEU A 521 -8.41 -7.22 -41.16
N GLU A 522 -7.17 -7.36 -40.67
CA GLU A 522 -5.98 -7.25 -41.49
C GLU A 522 -5.06 -8.41 -41.17
N VAL A 523 -4.67 -9.17 -42.18
CA VAL A 523 -3.85 -10.36 -42.00
C VAL A 523 -2.38 -9.98 -42.03
N ARG A 524 -1.62 -10.54 -41.09
CA ARG A 524 -0.17 -10.40 -41.06
C ARG A 524 0.41 -11.78 -40.76
N ARG A 525 1.74 -11.89 -40.85
CA ARG A 525 2.41 -13.14 -40.53
C ARG A 525 3.62 -12.88 -39.64
N GLY A 526 3.84 -13.79 -38.70
CA GLY A 526 4.96 -13.69 -37.78
C GLY A 526 4.63 -12.92 -36.51
N LEU A 527 4.50 -13.63 -35.39
CA LEU A 527 4.28 -13.00 -34.09
C LEU A 527 5.64 -12.59 -33.53
N ARG A 528 6.17 -11.49 -34.08
CA ARG A 528 7.51 -11.01 -33.74
C ARG A 528 8.53 -12.13 -33.91
N ALA A 529 8.65 -12.59 -35.17
CA ALA A 529 9.37 -13.83 -35.45
C ALA A 529 10.86 -13.70 -35.14
N GLN A 530 11.47 -12.58 -35.52
CA GLN A 530 12.90 -12.41 -35.29
C GLN A 530 13.21 -12.34 -33.80
N ALA A 531 12.41 -11.59 -33.04
CA ALA A 531 12.66 -11.47 -31.60
C ALA A 531 12.40 -12.79 -30.89
N CYS A 532 11.30 -13.47 -31.22
CA CYS A 532 10.99 -14.73 -30.56
C CYS A 532 11.95 -15.84 -30.93
N ALA A 533 12.64 -15.73 -32.07
CA ALA A 533 13.70 -16.67 -32.36
C ALA A 533 14.87 -16.51 -31.38
N PHE A 534 15.12 -15.29 -30.93
CA PHE A 534 16.16 -15.08 -29.92
C PHE A 534 15.78 -15.75 -28.61
N TRP A 535 14.56 -15.51 -28.13
CA TRP A 535 14.14 -16.08 -26.85
C TRP A 535 13.93 -17.58 -26.94
N ASN A 536 13.28 -18.05 -28.01
CA ASN A 536 12.90 -19.47 -28.07
C ASN A 536 14.03 -20.36 -28.58
N ARG A 537 14.92 -19.85 -29.41
CA ARG A 537 15.94 -20.67 -30.05
C ARG A 537 17.35 -20.43 -29.51
N PHE A 538 17.81 -19.17 -29.50
CA PHE A 538 19.22 -18.93 -29.19
C PHE A 538 19.47 -18.87 -27.69
N LEU A 539 18.69 -18.07 -26.96
CA LEU A 539 18.98 -17.82 -25.55
C LEU A 539 19.06 -19.10 -24.71
N PRO A 540 18.22 -20.13 -24.92
CA PRO A 540 18.46 -21.39 -24.19
C PRO A 540 19.84 -21.97 -24.47
N LYS A 541 20.30 -21.93 -25.72
CA LYS A 541 21.66 -22.38 -26.02
C LYS A 541 22.70 -21.52 -25.33
N LEU A 542 22.39 -20.25 -25.09
CA LEU A 542 23.34 -19.37 -24.40
C LEU A 542 23.39 -19.66 -22.91
N LEU A 543 22.27 -20.13 -22.33
CA LEU A 543 22.24 -20.44 -20.91
C LEU A 543 22.79 -21.82 -20.60
N SER A 544 22.63 -22.77 -21.53
CA SER A 544 23.13 -24.13 -21.30
C SER A 544 24.64 -24.20 -21.48
N ALA A 545 25.17 -23.60 -22.54
CA ALA A 545 26.62 -23.46 -22.68
C ALA A 545 27.21 -22.47 -21.70
N THR A 546 26.37 -21.79 -20.92
CA THR A 546 26.75 -20.88 -19.83
C THR A 546 28.03 -20.09 -20.08
N GLU B 7 -32.51 23.10 25.45
CA GLU B 7 -31.36 23.77 24.83
C GLU B 7 -30.32 24.13 25.87
N ASP B 8 -29.07 23.73 25.62
CA ASP B 8 -27.93 24.04 26.48
C ASP B 8 -27.07 25.07 25.75
N ALA B 9 -26.99 26.28 26.31
CA ALA B 9 -26.38 27.41 25.62
C ALA B 9 -24.86 27.41 25.67
N GLU B 10 -24.24 26.54 26.47
CA GLU B 10 -22.79 26.53 26.54
C GLU B 10 -22.13 25.90 25.32
N LEU B 11 -22.91 25.27 24.44
CA LEU B 11 -22.41 24.77 23.17
C LEU B 11 -22.43 25.84 22.09
N LEU B 12 -22.78 27.08 22.43
CA LEU B 12 -22.84 28.19 21.49
C LEU B 12 -21.81 29.23 21.91
N VAL B 13 -20.82 29.47 21.07
CA VAL B 13 -19.72 30.37 21.38
C VAL B 13 -19.43 31.24 20.15
N THR B 14 -19.15 32.52 20.39
CA THR B 14 -18.78 33.45 19.35
C THR B 14 -17.29 33.75 19.43
N VAL B 15 -16.62 33.75 18.28
CA VAL B 15 -15.22 34.10 18.17
C VAL B 15 -15.09 35.22 17.14
N ARG B 16 -13.85 35.67 16.92
CA ARG B 16 -13.60 36.85 16.11
C ARG B 16 -14.12 36.72 14.68
N GLY B 17 -14.29 35.51 14.18
CA GLY B 17 -14.71 35.32 12.81
C GLY B 17 -16.20 35.08 12.64
N GLY B 18 -16.88 34.81 13.74
CA GLY B 18 -18.30 34.54 13.69
C GLY B 18 -18.71 33.66 14.86
N ARG B 19 -19.84 32.96 14.67
CA ARG B 19 -20.45 32.17 15.72
C ARG B 19 -20.27 30.68 15.43
N LEU B 20 -20.28 29.89 16.51
CA LEU B 20 -20.05 28.45 16.44
C LEU B 20 -21.09 27.73 17.29
N ARG B 21 -21.46 26.53 16.84
CA ARG B 21 -22.19 25.57 17.66
C ARG B 21 -21.31 24.36 17.87
N GLY B 22 -21.07 24.01 19.13
CA GLY B 22 -20.27 22.87 19.48
C GLY B 22 -21.11 21.65 19.78
N ILE B 23 -20.44 20.63 20.34
CA ILE B 23 -21.08 19.38 20.70
C ILE B 23 -20.60 18.99 22.09
N ARG B 24 -21.43 18.24 22.80
CA ARG B 24 -21.14 17.80 24.17
C ARG B 24 -20.72 16.34 24.15
N LEU B 25 -19.53 16.06 24.68
CA LEU B 25 -18.98 14.72 24.71
C LEU B 25 -19.11 14.13 26.11
N LYS B 26 -19.41 12.83 26.16
CA LYS B 26 -19.58 12.13 27.43
C LYS B 26 -18.27 11.46 27.85
N THR B 27 -17.97 11.54 29.13
CA THR B 27 -16.89 10.80 29.77
C THR B 27 -17.47 10.12 31.00
N PRO B 28 -16.82 9.07 31.51
CA PRO B 28 -17.36 8.38 32.70
C PRO B 28 -17.53 9.30 33.91
N GLY B 29 -16.89 10.46 33.94
CA GLY B 29 -16.98 11.32 35.10
C GLY B 29 -17.59 12.69 34.85
N GLY B 30 -18.27 12.85 33.71
CA GLY B 30 -18.95 14.09 33.41
C GLY B 30 -18.75 14.55 31.99
N PRO B 31 -19.70 15.37 31.50
CA PRO B 31 -19.61 15.84 30.12
C PRO B 31 -18.48 16.84 29.91
N VAL B 32 -18.20 17.10 28.64
CA VAL B 32 -17.21 18.08 28.21
C VAL B 32 -17.76 18.76 26.96
N SER B 33 -17.51 20.06 26.83
CA SER B 33 -17.95 20.81 25.66
C SER B 33 -16.82 20.84 24.63
N ALA B 34 -17.15 20.43 23.40
CA ALA B 34 -16.18 20.36 22.32
C ALA B 34 -16.63 21.22 21.15
N PHE B 35 -15.66 21.83 20.47
CA PHE B 35 -15.88 22.63 19.26
C PHE B 35 -14.89 22.11 18.23
N LEU B 36 -15.32 21.17 17.41
CA LEU B 36 -14.46 20.43 16.50
C LEU B 36 -14.68 20.93 15.08
N GLY B 37 -13.61 21.37 14.44
CA GLY B 37 -13.67 21.79 13.05
C GLY B 37 -13.73 23.28 12.81
N ILE B 38 -13.27 24.10 13.77
CA ILE B 38 -13.25 25.54 13.60
C ILE B 38 -12.25 25.89 12.50
N PRO B 39 -12.66 26.59 11.44
CA PRO B 39 -11.68 27.07 10.46
C PRO B 39 -10.83 28.17 11.05
N PHE B 40 -9.51 28.06 10.87
CA PHE B 40 -8.59 29.11 11.30
C PHE B 40 -7.80 29.69 10.13
N ALA B 41 -7.96 29.15 8.93
CA ALA B 41 -7.29 29.71 7.77
C ALA B 41 -8.16 29.51 6.54
N GLU B 42 -7.96 30.38 5.55
CA GLU B 42 -8.59 30.17 4.26
C GLU B 42 -8.10 28.87 3.65
N PRO B 43 -8.97 28.16 2.92
CA PRO B 43 -8.57 26.90 2.30
C PRO B 43 -7.37 27.09 1.40
N PRO B 44 -6.21 26.37 1.70
CA PRO B 44 -4.97 26.54 0.90
C PRO B 44 -4.98 25.72 -0.38
N MET B 45 -5.91 26.04 -1.27
CA MET B 45 -6.12 25.30 -2.50
C MET B 45 -5.80 26.18 -3.71
N GLY B 46 -5.77 25.53 -4.88
CA GLY B 46 -5.51 26.20 -6.13
C GLY B 46 -4.20 26.96 -6.12
N PRO B 47 -4.26 28.26 -6.38
CA PRO B 47 -3.04 29.09 -6.36
C PRO B 47 -2.42 29.23 -4.98
N ARG B 48 -3.13 28.84 -3.93
CA ARG B 48 -2.61 28.93 -2.57
C ARG B 48 -1.87 27.67 -2.13
N ARG B 49 -1.79 26.66 -2.99
CA ARG B 49 -0.99 25.49 -2.67
C ARG B 49 0.49 25.88 -2.60
N PHE B 50 1.16 25.43 -1.54
CA PHE B 50 2.56 25.69 -1.20
C PHE B 50 2.79 27.09 -0.64
N LEU B 51 1.75 27.85 -0.35
CA LEU B 51 1.89 29.21 0.16
C LEU B 51 1.59 29.28 1.65
N PRO B 52 2.09 30.30 2.35
CA PRO B 52 1.76 30.46 3.75
C PRO B 52 0.26 30.65 3.92
N PRO B 53 -0.28 30.24 5.07
CA PRO B 53 -1.73 30.34 5.26
C PRO B 53 -2.17 31.79 5.44
N GLU B 54 -3.36 32.06 4.97
CA GLU B 54 -4.04 33.33 5.23
C GLU B 54 -5.13 33.11 6.27
N PRO B 55 -5.36 34.06 7.18
CA PRO B 55 -6.39 33.86 8.21
C PRO B 55 -7.78 33.68 7.60
N LYS B 56 -8.60 32.91 8.30
CA LYS B 56 -9.96 32.66 7.83
C LYS B 56 -10.78 33.94 7.91
N GLN B 57 -11.40 34.31 6.78
CA GLN B 57 -12.20 35.53 6.75
C GLN B 57 -13.49 35.32 7.56
N PRO B 58 -14.03 36.39 8.14
CA PRO B 58 -15.21 36.23 8.98
C PRO B 58 -16.40 35.70 8.19
N TRP B 59 -17.22 34.92 8.88
CA TRP B 59 -18.41 34.30 8.29
C TRP B 59 -19.66 34.77 9.00
N SER B 60 -20.78 34.78 8.26
CA SER B 60 -22.11 35.00 8.81
C SER B 60 -22.81 33.67 9.12
N GLY B 61 -23.68 33.72 10.12
CA GLY B 61 -24.41 32.56 10.59
C GLY B 61 -23.64 31.80 11.65
N VAL B 62 -23.99 30.53 11.77
CA VAL B 62 -23.43 29.64 12.79
C VAL B 62 -22.69 28.51 12.08
N VAL B 63 -21.36 28.54 12.13
CA VAL B 63 -20.56 27.43 11.63
C VAL B 63 -20.78 26.22 12.53
N ASP B 64 -21.14 25.09 11.94
CA ASP B 64 -21.29 23.86 12.70
C ASP B 64 -19.91 23.34 13.09
N ALA B 65 -19.69 23.14 14.38
CA ALA B 65 -18.42 22.68 14.92
C ALA B 65 -18.63 21.44 15.80
N THR B 66 -19.35 20.46 15.25
CA THR B 66 -19.72 19.26 16.00
C THR B 66 -18.98 18.01 15.53
N THR B 67 -18.08 18.12 14.56
CA THR B 67 -17.36 16.96 14.06
C THR B 67 -16.03 17.41 13.48
N PHE B 68 -15.06 16.50 13.48
CA PHE B 68 -13.76 16.80 12.90
C PHE B 68 -13.89 17.07 11.41
N GLN B 69 -13.01 17.92 10.91
CA GLN B 69 -12.98 18.23 9.48
C GLN B 69 -12.05 17.28 8.75
N SER B 70 -11.69 17.64 7.52
CA SER B 70 -10.95 16.73 6.66
C SER B 70 -9.49 16.61 7.08
N VAL B 71 -8.92 15.44 6.84
CA VAL B 71 -7.50 15.22 7.05
C VAL B 71 -6.72 15.77 5.86
N CYS B 72 -5.60 16.43 6.13
CA CYS B 72 -4.76 16.95 5.06
C CYS B 72 -4.24 15.81 4.20
N TYR B 73 -4.04 16.09 2.91
CA TYR B 73 -3.58 15.07 1.98
C TYR B 73 -2.23 14.51 2.44
N GLN B 74 -2.15 13.19 2.53
CA GLN B 74 -0.97 12.54 3.09
C GLN B 74 -0.91 11.10 2.63
N TYR B 75 0.30 10.53 2.70
CA TYR B 75 0.48 9.12 2.42
C TYR B 75 -0.22 8.28 3.48
N VAL B 76 -0.79 7.15 3.05
CA VAL B 76 -1.54 6.25 3.93
C VAL B 76 -0.78 4.94 4.04
N ASP B 77 -0.51 4.51 5.27
CA ASP B 77 0.29 3.32 5.50
C ASP B 77 -0.45 2.07 5.06
N THR B 78 0.21 1.24 4.26
CA THR B 78 -0.37 -0.01 3.77
C THR B 78 0.50 -1.23 4.09
N LEU B 79 1.50 -1.08 4.97
CA LEU B 79 2.42 -2.18 5.24
C LEU B 79 1.69 -3.37 5.82
N TYR B 80 0.80 -3.14 6.79
CA TYR B 80 0.03 -4.20 7.44
C TYR B 80 -1.44 -3.84 7.41
N PRO B 81 -2.16 -4.18 6.35
CA PRO B 81 -3.59 -3.90 6.30
C PRO B 81 -4.35 -4.64 7.40
N GLY B 82 -5.42 -4.01 7.87
CA GLY B 82 -6.23 -4.55 8.96
C GLY B 82 -5.58 -4.47 10.33
N PHE B 83 -4.33 -4.05 10.43
CA PHE B 83 -3.60 -4.09 11.69
C PHE B 83 -3.89 -2.83 12.51
N GLU B 84 -4.24 -3.03 13.79
CA GLU B 84 -4.54 -1.91 14.66
C GLU B 84 -3.30 -1.03 14.90
N GLY B 85 -2.13 -1.65 15.00
CA GLY B 85 -0.92 -0.90 15.30
C GLY B 85 -0.56 0.15 14.27
N THR B 86 -0.83 -0.12 12.99
CA THR B 86 -0.55 0.86 11.95
C THR B 86 -1.76 1.74 11.64
N GLU B 87 -2.96 1.16 11.57
CA GLU B 87 -4.13 1.91 11.13
C GLU B 87 -4.67 2.87 12.18
N MET B 88 -4.24 2.75 13.45
CA MET B 88 -4.61 3.77 14.42
C MET B 88 -4.00 5.13 14.11
N TRP B 89 -3.02 5.19 13.21
CA TRP B 89 -2.38 6.43 12.81
C TRP B 89 -2.85 6.93 11.45
N ASN B 90 -3.56 6.10 10.69
CA ASN B 90 -4.02 6.46 9.35
C ASN B 90 -5.19 7.44 9.43
N PRO B 91 -5.43 8.20 8.36
CA PRO B 91 -6.50 9.20 8.40
C PRO B 91 -7.87 8.56 8.62
N ASN B 92 -8.65 9.17 9.50
CA ASN B 92 -9.99 8.70 9.82
C ASN B 92 -11.06 9.69 9.33
N ARG B 93 -10.68 10.61 8.44
CA ARG B 93 -11.63 11.46 7.73
C ARG B 93 -11.21 11.50 6.27
N GLU B 94 -12.05 12.08 5.43
CA GLU B 94 -11.71 12.21 4.02
C GLU B 94 -10.52 13.14 3.84
N LEU B 95 -9.68 12.83 2.87
CA LEU B 95 -8.51 13.65 2.58
C LEU B 95 -8.92 14.87 1.73
N SER B 96 -8.29 16.00 2.01
CA SER B 96 -8.57 17.23 1.28
C SER B 96 -7.48 18.25 1.59
N GLU B 97 -7.20 19.10 0.60
CA GLU B 97 -6.34 20.26 0.85
C GLU B 97 -7.05 21.31 1.70
N ASP B 98 -8.39 21.31 1.69
CA ASP B 98 -9.19 22.13 2.59
C ASP B 98 -9.21 21.43 3.95
N CYS B 99 -8.13 21.64 4.72
CA CYS B 99 -7.96 20.92 5.97
C CYS B 99 -7.50 21.77 7.14
N LEU B 100 -7.32 23.08 6.96
CA LEU B 100 -6.79 23.93 8.03
C LEU B 100 -7.92 24.28 8.99
N TYR B 101 -8.20 23.33 9.89
CA TYR B 101 -9.20 23.49 10.94
C TYR B 101 -8.59 23.09 12.27
N LEU B 102 -9.14 23.65 13.35
CA LEU B 102 -8.66 23.34 14.69
C LEU B 102 -9.84 22.95 15.58
N ASN B 103 -9.52 22.39 16.74
CA ASN B 103 -10.51 21.88 17.67
C ASN B 103 -10.21 22.40 19.06
N VAL B 104 -11.27 22.69 19.82
CA VAL B 104 -11.16 23.20 21.19
C VAL B 104 -12.03 22.35 22.09
N TRP B 105 -11.43 21.76 23.12
CA TRP B 105 -12.16 21.10 24.19
C TRP B 105 -12.15 22.02 25.41
N THR B 106 -13.26 22.02 26.14
CA THR B 106 -13.39 22.89 27.32
C THR B 106 -14.31 22.20 28.33
N PRO B 107 -14.07 22.39 29.62
CA PRO B 107 -14.85 21.66 30.63
C PRO B 107 -16.30 22.11 30.71
N TYR B 108 -17.12 21.24 31.26
CA TYR B 108 -18.48 21.61 31.63
C TYR B 108 -18.66 21.52 33.15
N PRO B 109 -19.12 22.60 33.77
CA PRO B 109 -19.45 23.86 33.10
C PRO B 109 -18.22 24.67 32.69
N ARG B 110 -18.39 25.56 31.72
CA ARG B 110 -17.28 26.37 31.23
C ARG B 110 -16.65 27.13 32.39
N PRO B 111 -15.32 27.20 32.45
CA PRO B 111 -14.67 27.90 33.56
C PRO B 111 -15.04 29.38 33.59
N THR B 112 -15.20 29.91 34.80
CA THR B 112 -15.52 31.32 34.99
C THR B 112 -14.28 32.19 35.08
N SER B 113 -13.14 31.63 35.49
CA SER B 113 -11.85 32.30 35.54
C SER B 113 -10.94 31.76 34.44
N PRO B 114 -9.96 32.55 33.98
CA PRO B 114 -9.05 32.06 32.94
C PRO B 114 -8.35 30.77 33.35
N THR B 115 -8.29 29.83 32.41
CA THR B 115 -7.81 28.47 32.61
C THR B 115 -6.62 28.18 31.70
N PRO B 116 -5.59 27.49 32.20
CA PRO B 116 -4.42 27.18 31.36
C PRO B 116 -4.81 26.36 30.14
N VAL B 117 -4.10 26.61 29.03
CA VAL B 117 -4.41 26.01 27.74
C VAL B 117 -3.28 25.06 27.36
N LEU B 118 -3.65 23.86 26.93
CA LEU B 118 -2.73 22.89 26.34
C LEU B 118 -3.00 22.82 24.85
N VAL B 119 -1.94 22.97 24.05
CA VAL B 119 -2.05 22.96 22.59
C VAL B 119 -1.28 21.76 22.07
N TRP B 120 -1.98 20.83 21.44
CA TRP B 120 -1.39 19.60 20.94
C TRP B 120 -0.97 19.76 19.48
N ILE B 121 0.20 19.19 19.15
CA ILE B 121 0.73 19.18 17.80
C ILE B 121 1.10 17.74 17.47
N TYR B 122 0.33 17.11 16.60
CA TYR B 122 0.58 15.72 16.26
C TYR B 122 1.86 15.57 15.44
N GLY B 123 2.46 14.38 15.52
CA GLY B 123 3.63 14.04 14.74
C GLY B 123 3.27 13.24 13.51
N GLY B 124 4.26 12.48 13.02
CA GLY B 124 4.07 11.67 11.84
C GLY B 124 5.11 11.94 10.76
N GLY B 125 6.33 12.24 11.19
CA GLY B 125 7.42 12.45 10.25
C GLY B 125 7.20 13.58 9.27
N PHE B 126 6.33 14.54 9.60
CA PHE B 126 5.97 15.68 8.76
C PHE B 126 5.29 15.28 7.45
N TYR B 127 4.93 14.00 7.28
CA TYR B 127 4.23 13.54 6.09
C TYR B 127 2.84 13.00 6.38
N SER B 128 2.46 12.86 7.66
CA SER B 128 1.19 12.24 8.02
C SER B 128 0.71 12.80 9.34
N GLY B 129 -0.45 12.36 9.77
CA GLY B 129 -1.03 12.77 11.04
C GLY B 129 -2.27 13.61 10.86
N ALA B 130 -3.10 13.60 11.91
CA ALA B 130 -4.34 14.36 11.93
C ALA B 130 -4.77 14.57 13.36
N SER B 131 -5.42 15.72 13.62
CA SER B 131 -5.94 16.00 14.95
C SER B 131 -7.19 15.17 15.27
N SER B 132 -7.78 14.51 14.28
CA SER B 132 -9.00 13.75 14.47
C SER B 132 -8.76 12.33 14.95
N LEU B 133 -7.52 11.88 15.04
CA LEU B 133 -7.23 10.52 15.46
C LEU B 133 -7.82 10.24 16.84
N ASP B 134 -8.35 9.02 17.03
CA ASP B 134 -9.00 8.67 18.29
C ASP B 134 -8.05 8.82 19.46
N VAL B 135 -6.77 8.47 19.26
CA VAL B 135 -5.80 8.52 20.35
C VAL B 135 -5.47 9.95 20.78
N TYR B 136 -5.93 10.95 20.04
CA TYR B 136 -5.73 12.35 20.40
C TYR B 136 -6.99 12.99 20.97
N ASP B 137 -8.00 12.20 21.32
CA ASP B 137 -9.25 12.73 21.84
C ASP B 137 -9.01 13.39 23.20
N GLY B 138 -9.38 14.66 23.31
CA GLY B 138 -9.10 15.45 24.48
C GLY B 138 -10.18 15.50 25.55
N ARG B 139 -11.21 14.66 25.45
CA ARG B 139 -12.29 14.74 26.42
C ARG B 139 -11.83 14.30 27.81
N PHE B 140 -10.97 13.29 27.89
CA PHE B 140 -10.58 12.75 29.19
C PHE B 140 -9.58 13.67 29.89
N LEU B 141 -8.65 14.25 29.13
CA LEU B 141 -7.69 15.18 29.72
C LEU B 141 -8.39 16.45 30.22
N VAL B 142 -9.34 16.97 29.45
CA VAL B 142 -10.04 18.19 29.84
C VAL B 142 -10.99 17.92 30.99
N GLN B 143 -11.64 16.76 31.00
CA GLN B 143 -12.54 16.43 32.09
C GLN B 143 -11.79 16.24 33.40
N ALA B 144 -10.69 15.47 33.36
CA ALA B 144 -10.01 15.07 34.59
C ALA B 144 -9.23 16.21 35.22
N GLU B 145 -8.67 17.10 34.41
CA GLU B 145 -7.84 18.18 34.94
C GLU B 145 -8.40 19.57 34.67
N ARG B 146 -9.60 19.67 34.07
CA ARG B 146 -10.29 20.95 33.86
C ARG B 146 -9.38 21.99 33.23
N THR B 147 -8.52 21.54 32.32
CA THR B 147 -7.76 22.42 31.46
C THR B 147 -8.49 22.63 30.15
N VAL B 148 -7.97 23.55 29.35
CA VAL B 148 -8.50 23.82 28.01
C VAL B 148 -7.50 23.27 26.99
N LEU B 149 -7.99 22.43 26.10
CA LEU B 149 -7.14 21.77 25.10
C LEU B 149 -7.52 22.24 23.71
N VAL B 150 -6.52 22.63 22.92
CA VAL B 150 -6.67 22.97 21.52
C VAL B 150 -5.74 22.09 20.71
N SER B 151 -6.20 21.66 19.54
CA SER B 151 -5.37 20.91 18.61
C SER B 151 -5.73 21.32 17.19
N MET B 152 -4.71 21.46 16.34
CA MET B 152 -4.91 21.95 14.99
C MET B 152 -4.41 20.93 13.96
N ASN B 153 -4.94 21.04 12.76
CA ASN B 153 -4.37 20.37 11.59
C ASN B 153 -3.37 21.30 10.92
N TYR B 154 -2.28 20.72 10.44
CA TYR B 154 -1.32 21.45 9.63
C TYR B 154 -0.95 20.60 8.43
N ARG B 155 -0.59 21.28 7.33
CA ARG B 155 -0.24 20.58 6.11
C ARG B 155 1.04 19.78 6.29
N VAL B 156 1.04 18.57 5.75
CA VAL B 156 2.17 17.65 5.84
C VAL B 156 2.63 17.33 4.43
N GLY B 157 3.80 16.68 4.35
CA GLY B 157 4.35 16.29 3.06
C GLY B 157 4.70 17.50 2.19
N ALA B 158 4.50 17.33 0.88
CA ALA B 158 4.84 18.37 -0.07
C ALA B 158 3.96 19.61 0.13
N PHE B 159 2.69 19.41 0.48
CA PHE B 159 1.78 20.54 0.69
C PHE B 159 2.20 21.40 1.87
N GLY B 160 2.92 20.84 2.83
CA GLY B 160 3.36 21.61 3.98
C GLY B 160 4.83 21.99 3.97
N PHE B 161 5.65 21.23 3.24
CA PHE B 161 7.09 21.40 3.38
C PHE B 161 7.88 21.25 2.08
N LEU B 162 7.24 21.20 0.92
CA LEU B 162 8.00 21.31 -0.32
C LEU B 162 8.58 22.72 -0.42
N ALA B 163 9.88 22.80 -0.69
CA ALA B 163 10.57 24.08 -0.66
C ALA B 163 11.48 24.22 -1.87
N LEU B 164 11.30 25.32 -2.60
CA LEU B 164 12.28 25.82 -3.55
C LEU B 164 12.88 27.07 -2.92
N PRO B 165 13.92 26.92 -2.08
CA PRO B 165 14.34 28.02 -1.22
C PRO B 165 14.66 29.28 -2.00
N GLY B 166 14.34 30.42 -1.40
CA GLY B 166 14.47 31.71 -2.06
C GLY B 166 13.25 32.14 -2.84
N SER B 167 12.71 31.23 -3.66
CA SER B 167 11.55 31.56 -4.47
C SER B 167 10.36 31.90 -3.58
N ARG B 168 9.43 32.69 -4.14
CA ARG B 168 8.29 33.17 -3.38
C ARG B 168 7.03 32.32 -3.55
N GLU B 169 7.02 31.39 -4.51
CA GLU B 169 5.85 30.55 -4.73
C GLU B 169 5.90 29.24 -3.97
N ALA B 170 7.08 28.82 -3.53
CA ALA B 170 7.25 27.65 -2.66
C ALA B 170 8.23 28.01 -1.56
N PRO B 171 7.81 28.88 -0.62
CA PRO B 171 8.75 29.36 0.41
C PRO B 171 9.25 28.26 1.33
N GLY B 172 8.47 27.21 1.55
CA GLY B 172 8.81 26.19 2.51
C GLY B 172 8.33 26.52 3.91
N ASN B 173 8.25 25.48 4.74
CA ASN B 173 7.85 25.59 6.14
C ASN B 173 6.42 26.12 6.31
N VAL B 174 5.60 26.05 5.26
CA VAL B 174 4.25 26.58 5.38
C VAL B 174 3.42 25.78 6.38
N GLY B 175 3.78 24.51 6.59
CA GLY B 175 3.10 23.72 7.61
C GLY B 175 3.40 24.20 9.01
N LEU B 176 4.59 24.74 9.23
CA LEU B 176 4.90 25.36 10.53
C LEU B 176 4.17 26.68 10.69
N LEU B 177 4.03 27.44 9.59
CA LEU B 177 3.23 28.65 9.64
C LEU B 177 1.75 28.34 9.87
N ASP B 178 1.27 27.21 9.34
CA ASP B 178 -0.06 26.73 9.72
C ASP B 178 -0.16 26.58 11.23
N GLN B 179 0.81 25.90 11.83
CA GLN B 179 0.84 25.77 13.30
C GLN B 179 0.90 27.13 13.97
N ARG B 180 1.71 28.04 13.45
CA ARG B 180 1.83 29.36 14.05
C ARG B 180 0.51 30.12 13.98
N LEU B 181 -0.19 30.03 12.84
CA LEU B 181 -1.48 30.70 12.72
C LEU B 181 -2.49 30.16 13.72
N ALA B 182 -2.47 28.85 13.97
CA ALA B 182 -3.34 28.28 14.99
C ALA B 182 -2.97 28.78 16.38
N LEU B 183 -1.69 29.12 16.60
CA LEU B 183 -1.30 29.66 17.89
C LEU B 183 -1.76 31.11 18.04
N GLN B 184 -1.71 31.88 16.96
CA GLN B 184 -2.28 33.23 16.99
C GLN B 184 -3.78 33.18 17.22
N TRP B 185 -4.46 32.19 16.64
CA TRP B 185 -5.89 32.02 16.86
C TRP B 185 -6.19 31.75 18.32
N VAL B 186 -5.38 30.89 18.96
CA VAL B 186 -5.57 30.62 20.38
C VAL B 186 -5.39 31.90 21.20
N GLN B 187 -4.44 32.75 20.81
CA GLN B 187 -4.24 34.02 21.50
C GLN B 187 -5.49 34.90 21.39
N GLU B 188 -6.06 34.99 20.19
CA GLU B 188 -7.15 35.92 19.95
C GLU B 188 -8.53 35.37 20.34
N ASN B 189 -8.65 34.10 20.66
CA ASN B 189 -9.99 33.54 20.86
C ASN B 189 -10.15 32.54 21.99
N VAL B 190 -9.08 32.01 22.58
CA VAL B 190 -9.25 30.93 23.56
C VAL B 190 -9.96 31.42 24.82
N ALA B 191 -9.94 32.73 25.09
CA ALA B 191 -10.66 33.25 26.25
C ALA B 191 -12.16 33.06 26.13
N ALA B 192 -12.69 33.07 24.89
CA ALA B 192 -14.11 32.84 24.69
C ALA B 192 -14.55 31.45 25.14
N PHE B 193 -13.61 30.53 25.32
CA PHE B 193 -13.88 29.20 25.82
C PHE B 193 -13.46 29.02 27.28
N GLY B 194 -13.09 30.10 27.95
CA GLY B 194 -12.63 30.04 29.32
C GLY B 194 -11.15 29.78 29.47
N GLY B 195 -10.36 29.88 28.41
CA GLY B 195 -8.94 29.60 28.45
C GLY B 195 -8.10 30.85 28.65
N ASP B 196 -6.97 30.68 29.32
CA ASP B 196 -6.07 31.79 29.63
C ASP B 196 -5.04 31.91 28.51
N PRO B 197 -5.10 32.94 27.67
CA PRO B 197 -4.07 33.12 26.64
C PRO B 197 -2.71 33.53 27.20
N THR B 198 -2.59 33.74 28.51
CA THR B 198 -1.31 34.03 29.14
C THR B 198 -0.68 32.78 29.76
N SER B 199 -1.31 31.62 29.62
CA SER B 199 -0.80 30.35 30.16
C SER B 199 -1.11 29.26 29.13
N VAL B 200 -0.31 29.23 28.08
CA VAL B 200 -0.46 28.28 26.97
C VAL B 200 0.78 27.40 26.94
N THR B 201 0.55 26.08 26.89
CA THR B 201 1.61 25.08 26.90
C THR B 201 1.49 24.22 25.65
N LEU B 202 2.52 24.29 24.80
CA LEU B 202 2.63 23.39 23.66
C LEU B 202 3.08 22.01 24.11
N PHE B 203 2.51 20.97 23.50
CA PHE B 203 3.04 19.64 23.68
C PHE B 203 2.79 18.83 22.42
N GLY B 204 3.86 18.23 21.90
CA GLY B 204 3.76 17.40 20.71
C GLY B 204 4.59 16.15 20.88
N GLU B 205 4.41 15.23 19.94
CA GLU B 205 5.10 13.95 19.96
C GLU B 205 5.71 13.69 18.59
N SER B 206 6.87 13.04 18.59
CA SER B 206 7.63 12.75 17.37
C SER B 206 7.90 14.03 16.59
N ALA B 207 7.33 14.12 15.38
CA ALA B 207 7.47 15.33 14.58
C ALA B 207 6.74 16.52 15.19
N GLY B 208 5.73 16.27 16.02
CA GLY B 208 5.12 17.36 16.77
C GLY B 208 6.05 17.92 17.83
N ALA B 209 6.81 17.05 18.50
CA ALA B 209 7.82 17.52 19.44
C ALA B 209 8.89 18.34 18.74
N ALA B 210 9.35 17.86 17.58
CA ALA B 210 10.26 18.68 16.77
C ALA B 210 9.61 20.03 16.45
N SER B 211 8.35 20.02 16.01
CA SER B 211 7.66 21.26 15.70
C SER B 211 7.62 22.19 16.90
N VAL B 212 7.31 21.65 18.09
CA VAL B 212 7.34 22.45 19.30
C VAL B 212 8.72 23.08 19.51
N GLY B 213 9.77 22.30 19.24
CA GLY B 213 11.12 22.84 19.35
C GLY B 213 11.39 23.95 18.36
N MET B 214 10.88 23.81 17.13
CA MET B 214 11.10 24.86 16.13
C MET B 214 10.45 26.17 16.58
N HIS B 215 9.31 26.08 17.25
CA HIS B 215 8.63 27.28 17.72
C HIS B 215 9.40 27.93 18.87
N LEU B 216 10.00 27.11 19.73
CA LEU B 216 10.87 27.65 20.78
C LEU B 216 12.01 28.46 20.17
N LEU B 217 12.53 28.02 19.03
CA LEU B 217 13.67 28.67 18.38
C LEU B 217 13.25 29.70 17.35
N SER B 218 11.95 29.94 17.18
CA SER B 218 11.48 30.93 16.22
C SER B 218 10.91 32.13 16.97
N PRO B 219 11.47 33.32 16.79
CA PRO B 219 11.01 34.51 17.55
C PRO B 219 9.54 34.83 17.31
N PRO B 220 9.04 34.84 16.06
CA PRO B 220 7.63 35.18 15.88
C PRO B 220 6.67 34.21 16.56
N SER B 221 7.04 32.94 16.68
CA SER B 221 6.22 31.96 17.36
C SER B 221 6.45 31.94 18.88
N ARG B 222 7.62 32.38 19.33
CA ARG B 222 7.99 32.24 20.74
C ARG B 222 7.09 33.07 21.65
N GLY B 223 6.59 34.22 21.18
CA GLY B 223 5.74 35.04 22.00
C GLY B 223 4.32 34.55 22.16
N LEU B 224 3.99 33.37 21.66
CA LEU B 224 2.63 32.84 21.66
C LEU B 224 2.44 31.71 22.65
N PHE B 225 3.47 31.40 23.45
CA PHE B 225 3.36 30.32 24.43
C PHE B 225 4.44 30.54 25.48
N HIS B 226 4.35 29.76 26.56
CA HIS B 226 5.19 29.95 27.72
C HIS B 226 5.81 28.67 28.26
N ARG B 227 5.36 27.50 27.81
CA ARG B 227 5.93 26.22 28.22
C ARG B 227 5.97 25.30 27.01
N ALA B 228 6.72 24.21 27.13
CA ALA B 228 6.88 23.29 26.02
C ALA B 228 7.05 21.89 26.56
N VAL B 229 6.40 20.92 25.91
CA VAL B 229 6.58 19.51 26.21
C VAL B 229 6.97 18.83 24.90
N LEU B 230 8.13 18.18 24.90
CA LEU B 230 8.65 17.50 23.71
C LEU B 230 8.71 16.00 24.00
N GLN B 231 7.82 15.24 23.37
CA GLN B 231 7.72 13.81 23.59
C GLN B 231 8.36 13.08 22.40
N SER B 232 9.49 12.42 22.67
CA SER B 232 10.16 11.57 21.69
C SER B 232 10.47 12.32 20.40
N GLY B 233 11.02 13.51 20.53
CA GLY B 233 11.37 14.31 19.36
C GLY B 233 12.09 15.56 19.76
N ALA B 234 12.81 16.11 18.78
CA ALA B 234 13.59 17.34 18.98
C ALA B 234 13.86 17.94 17.61
N PRO B 235 14.03 19.27 17.53
CA PRO B 235 14.29 19.89 16.22
C PRO B 235 15.72 19.75 15.73
N ASN B 236 16.67 19.40 16.61
CA ASN B 236 18.08 19.34 16.24
C ASN B 236 18.49 17.99 15.66
N GLY B 237 17.60 17.00 15.67
CA GLY B 237 17.94 15.67 15.22
C GLY B 237 18.30 15.57 13.76
N PRO B 238 18.70 14.37 13.31
CA PRO B 238 19.14 14.19 11.92
C PRO B 238 18.02 14.09 10.90
N TRP B 239 16.75 14.05 11.34
CA TRP B 239 15.64 13.83 10.43
C TRP B 239 14.69 15.02 10.31
N ALA B 240 14.71 15.95 11.26
CA ALA B 240 13.68 16.98 11.32
C ALA B 240 13.96 18.19 10.44
N THR B 241 15.17 18.31 9.89
CA THR B 241 15.49 19.44 9.02
C THR B 241 16.24 18.94 7.80
N VAL B 242 16.36 19.82 6.80
CA VAL B 242 17.02 19.50 5.55
C VAL B 242 17.69 20.77 5.03
N GLY B 243 18.75 20.59 4.25
CA GLY B 243 19.43 21.73 3.66
C GLY B 243 18.69 22.31 2.47
N MET B 244 19.03 23.56 2.15
CA MET B 244 18.39 24.24 1.02
C MET B 244 18.66 23.52 -0.29
N GLY B 245 19.93 23.17 -0.54
CA GLY B 245 20.27 22.50 -1.78
C GLY B 245 19.59 21.14 -1.91
N GLU B 246 19.48 20.40 -0.81
CA GLU B 246 18.81 19.11 -0.86
C GLU B 246 17.31 19.27 -1.01
N ALA B 247 16.72 20.31 -0.39
CA ALA B 247 15.30 20.56 -0.54
C ALA B 247 14.95 20.91 -1.97
N ARG B 248 15.80 21.69 -2.63
CA ARG B 248 15.57 22.04 -4.03
C ARG B 248 15.63 20.79 -4.91
N ARG B 249 16.53 19.87 -4.61
CA ARG B 249 16.65 18.65 -5.42
C ARG B 249 15.44 17.75 -5.22
N ARG B 250 14.93 17.66 -3.99
CA ARG B 250 13.77 16.81 -3.74
C ARG B 250 12.52 17.39 -4.39
N ALA B 251 12.34 18.71 -4.32
CA ALA B 251 11.20 19.33 -4.99
C ALA B 251 11.31 19.20 -6.49
N THR B 252 12.52 19.26 -7.04
CA THR B 252 12.70 19.17 -8.48
C THR B 252 12.49 17.75 -8.98
N GLN B 253 12.90 16.76 -8.19
CA GLN B 253 12.69 15.37 -8.59
C GLN B 253 11.21 15.00 -8.53
N LEU B 254 10.50 15.47 -7.51
CA LEU B 254 9.07 15.24 -7.43
C LEU B 254 8.36 15.83 -8.64
N ALA B 255 8.71 17.06 -9.01
CA ALA B 255 8.13 17.69 -10.19
C ALA B 255 8.38 16.86 -11.44
N HIS B 256 9.60 16.35 -11.59
CA HIS B 256 9.92 15.51 -12.74
C HIS B 256 9.12 14.21 -12.71
N LEU B 257 8.94 13.62 -11.52
CA LEU B 257 8.23 12.36 -11.42
C LEU B 257 6.77 12.48 -11.82
N VAL B 258 6.20 13.68 -11.79
CA VAL B 258 4.82 13.91 -12.18
C VAL B 258 4.72 14.68 -13.49
N GLY B 259 5.84 14.86 -14.19
CA GLY B 259 5.83 15.48 -15.51
C GLY B 259 6.11 16.97 -15.54
N CYS B 260 6.64 17.55 -14.48
CA CYS B 260 6.93 18.98 -14.45
C CYS B 260 8.43 19.25 -14.53
N PRO B 261 8.84 20.18 -15.42
CA PRO B 261 7.97 20.89 -16.36
C PRO B 261 7.68 20.07 -17.61
N PRO B 262 6.72 20.51 -18.44
CA PRO B 262 6.51 19.85 -19.74
C PRO B 262 7.77 19.88 -20.58
N GLY B 263 7.87 18.92 -21.49
CA GLY B 263 9.07 18.72 -22.28
C GLY B 263 9.60 19.93 -23.01
N GLY B 264 10.85 20.31 -22.71
CA GLY B 264 11.51 21.40 -23.38
C GLY B 264 11.27 22.78 -22.80
N THR B 265 10.30 22.92 -21.88
CA THR B 265 10.01 24.23 -21.31
C THR B 265 10.97 24.52 -20.15
N GLY B 266 10.96 25.78 -19.72
CA GLY B 266 12.00 26.30 -18.85
C GLY B 266 12.09 25.60 -17.51
N GLY B 267 13.15 25.93 -16.79
CA GLY B 267 13.41 25.31 -15.50
C GLY B 267 13.27 26.27 -14.33
N ASN B 268 12.89 27.52 -14.60
CA ASN B 268 12.77 28.49 -13.52
C ASN B 268 11.69 28.05 -12.53
N ASP B 269 11.79 28.56 -11.31
CA ASP B 269 11.01 28.02 -10.21
C ASP B 269 9.53 28.37 -10.29
N THR B 270 9.16 29.40 -11.07
CA THR B 270 7.75 29.76 -11.13
C THR B 270 6.95 28.75 -11.96
N GLU B 271 7.48 28.37 -13.13
CA GLU B 271 6.82 27.34 -13.91
C GLU B 271 6.77 26.02 -13.16
N LEU B 272 7.83 25.71 -12.42
CA LEU B 272 7.89 24.45 -11.67
C LEU B 272 6.74 24.36 -10.67
N VAL B 273 6.54 25.43 -9.88
CA VAL B 273 5.44 25.44 -8.93
C VAL B 273 4.10 25.56 -9.66
N ALA B 274 4.05 26.36 -10.73
CA ALA B 274 2.81 26.51 -11.48
C ALA B 274 2.37 25.17 -12.08
N CYS B 275 3.32 24.39 -12.60
CA CYS B 275 2.99 23.05 -13.09
C CYS B 275 2.58 22.14 -11.94
N LEU B 276 3.25 22.27 -10.79
CA LEU B 276 2.90 21.45 -9.64
C LEU B 276 1.51 21.78 -9.10
N ARG B 277 1.03 23.01 -9.31
CA ARG B 277 -0.28 23.40 -8.82
C ARG B 277 -1.42 22.86 -9.69
N THR B 278 -1.12 22.42 -10.92
CA THR B 278 -2.14 21.85 -11.78
C THR B 278 -2.34 20.35 -11.54
N ARG B 279 -1.46 19.71 -10.80
CA ARG B 279 -1.56 18.27 -10.58
C ARG B 279 -2.54 17.98 -9.43
N PRO B 280 -3.36 16.95 -9.57
CA PRO B 280 -4.20 16.52 -8.43
C PRO B 280 -3.35 16.17 -7.24
N ALA B 281 -3.88 16.47 -6.05
CA ALA B 281 -3.10 16.29 -4.82
C ALA B 281 -2.68 14.84 -4.61
N GLN B 282 -3.52 13.89 -5.04
CA GLN B 282 -3.17 12.48 -4.87
C GLN B 282 -1.96 12.10 -5.73
N VAL B 283 -1.79 12.75 -6.89
CA VAL B 283 -0.66 12.44 -7.75
C VAL B 283 0.65 12.83 -7.07
N LEU B 284 0.66 13.94 -6.34
CA LEU B 284 1.85 14.33 -5.59
C LEU B 284 2.13 13.35 -4.46
N VAL B 285 1.08 12.86 -3.81
CA VAL B 285 1.24 11.92 -2.69
C VAL B 285 1.87 10.62 -3.17
N ASN B 286 1.46 10.16 -4.36
CA ASN B 286 1.86 8.84 -4.84
C ASN B 286 3.33 8.74 -5.20
N HIS B 287 4.06 9.86 -5.26
CA HIS B 287 5.47 9.86 -5.59
C HIS B 287 6.33 10.41 -4.45
N GLU B 288 5.78 10.46 -3.23
CA GLU B 288 6.47 11.14 -2.13
C GLU B 288 7.72 10.38 -1.71
N TRP B 289 7.62 9.05 -1.58
CA TRP B 289 8.76 8.26 -1.12
C TRP B 289 9.78 7.97 -2.21
N HIS B 290 9.61 8.53 -3.40
CA HIS B 290 10.52 8.28 -4.51
C HIS B 290 11.63 9.31 -4.63
N VAL B 291 11.58 10.41 -3.87
CA VAL B 291 12.58 11.46 -3.98
C VAL B 291 13.68 11.34 -2.92
N LEU B 292 13.55 10.41 -1.99
CA LEU B 292 14.58 10.23 -0.97
C LEU B 292 15.89 9.78 -1.60
N PRO B 293 17.03 10.08 -0.97
CA PRO B 293 18.32 9.69 -1.56
C PRO B 293 18.57 8.19 -1.55
N GLN B 294 18.47 7.55 -0.38
CA GLN B 294 18.85 6.15 -0.24
C GLN B 294 17.74 5.37 0.46
N GLU B 295 17.96 4.07 0.59
CA GLU B 295 17.17 3.24 1.49
C GLU B 295 17.51 3.63 2.92
N SER B 296 16.48 3.78 3.76
CA SER B 296 16.72 4.25 5.12
C SER B 296 15.47 4.03 5.95
N VAL B 297 15.67 4.10 7.26
CA VAL B 297 14.57 4.23 8.22
C VAL B 297 14.67 5.62 8.83
N PHE B 298 13.53 6.16 9.27
CA PHE B 298 13.47 7.41 10.01
C PHE B 298 13.97 8.60 9.18
N ARG B 299 13.74 8.55 7.87
CA ARG B 299 14.03 9.68 6.98
C ARG B 299 12.80 9.99 6.15
N PHE B 300 12.53 11.28 5.96
CA PHE B 300 11.29 11.74 5.34
C PHE B 300 11.59 12.80 4.29
N SER B 301 10.76 12.83 3.25
CA SER B 301 11.10 13.58 2.05
C SER B 301 10.98 15.09 2.27
N PHE B 302 9.85 15.56 2.79
CA PHE B 302 9.57 16.99 2.90
C PHE B 302 9.45 17.34 4.38
N VAL B 303 10.49 17.97 4.91
CA VAL B 303 10.58 18.33 6.33
C VAL B 303 10.93 19.82 6.41
N PRO B 304 10.90 20.43 7.59
CA PRO B 304 11.32 21.83 7.70
C PRO B 304 12.69 22.09 7.07
N VAL B 305 12.77 23.16 6.29
CA VAL B 305 14.00 23.55 5.62
C VAL B 305 14.65 24.67 6.42
N VAL B 306 15.98 24.67 6.46
CA VAL B 306 16.75 25.73 7.13
C VAL B 306 16.95 26.82 6.09
N ASP B 307 16.04 27.80 6.09
CA ASP B 307 15.95 28.79 5.03
C ASP B 307 16.57 30.13 5.38
N GLY B 308 16.82 30.39 6.66
CA GLY B 308 17.17 31.71 7.12
C GLY B 308 15.97 32.55 7.56
N ASP B 309 14.76 32.12 7.23
CA ASP B 309 13.55 32.88 7.55
C ASP B 309 12.92 32.36 8.85
N PHE B 310 12.18 31.25 8.75
CA PHE B 310 11.59 30.67 9.97
C PHE B 310 12.67 30.26 10.96
N LEU B 311 13.80 29.77 10.46
CA LEU B 311 14.96 29.46 11.28
C LEU B 311 16.12 30.30 10.75
N SER B 312 16.52 31.31 11.53
CA SER B 312 17.67 32.12 11.12
C SER B 312 18.92 31.27 10.95
N ASP B 313 19.01 30.15 11.66
CA ASP B 313 20.09 29.20 11.48
C ASP B 313 19.56 27.81 11.83
N THR B 314 20.44 26.81 11.71
CA THR B 314 20.06 25.45 12.03
C THR B 314 19.57 25.36 13.48
N PRO B 315 18.69 24.39 13.78
CA PRO B 315 18.32 24.18 15.18
C PRO B 315 19.51 23.93 16.08
N GLU B 316 20.50 23.17 15.61
CA GLU B 316 21.67 22.87 16.41
C GLU B 316 22.41 24.15 16.80
N ALA B 317 22.50 25.12 15.88
CA ALA B 317 23.16 26.37 16.19
C ALA B 317 22.31 27.23 17.11
N LEU B 318 21.01 27.37 16.79
CA LEU B 318 20.13 28.22 17.59
C LEU B 318 20.02 27.72 19.03
N ILE B 319 20.08 26.40 19.24
CA ILE B 319 20.01 25.87 20.60
C ILE B 319 21.23 26.29 21.39
N ASN B 320 22.41 26.28 20.77
CA ASN B 320 23.63 26.64 21.49
C ASN B 320 23.65 28.13 21.84
N ALA B 321 23.18 28.98 20.93
CA ALA B 321 23.29 30.42 21.11
C ALA B 321 22.18 31.01 21.98
N GLY B 322 21.06 30.32 22.12
CA GLY B 322 19.89 30.93 22.71
C GLY B 322 19.92 30.98 24.24
N ASP B 323 19.30 32.02 24.77
CA ASP B 323 19.04 32.15 26.20
C ASP B 323 17.60 31.72 26.47
N PHE B 324 17.43 30.72 27.33
CA PHE B 324 16.13 30.16 27.62
C PHE B 324 15.69 30.44 29.06
N HIS B 325 16.16 31.55 29.63
CA HIS B 325 15.74 31.94 30.97
C HIS B 325 14.26 32.29 30.98
N GLY B 326 13.56 31.80 32.00
CA GLY B 326 12.14 32.02 32.13
C GLY B 326 11.26 30.98 31.47
N LEU B 327 11.84 29.97 30.85
CA LEU B 327 11.11 28.93 30.14
C LEU B 327 11.20 27.62 30.90
N GLN B 328 10.09 26.89 30.96
CA GLN B 328 10.05 25.56 31.54
C GLN B 328 9.80 24.55 30.42
N VAL B 329 10.57 23.46 30.42
CA VAL B 329 10.49 22.45 29.37
C VAL B 329 10.33 21.08 30.01
N LEU B 330 9.41 20.29 29.47
CA LEU B 330 9.27 18.89 29.83
C LEU B 330 9.61 18.05 28.60
N VAL B 331 10.67 17.25 28.71
CA VAL B 331 11.10 16.40 27.61
C VAL B 331 11.12 14.96 28.11
N GLY B 332 11.16 14.03 27.16
CA GLY B 332 11.20 12.63 27.52
C GLY B 332 11.18 11.75 26.30
N VAL B 333 11.31 10.44 26.56
CA VAL B 333 11.37 9.42 25.52
C VAL B 333 10.63 8.19 26.04
N VAL B 334 10.36 7.27 25.11
CA VAL B 334 9.87 5.95 25.48
C VAL B 334 11.06 5.00 25.52
N LYS B 335 10.86 3.83 26.13
CA LYS B 335 11.98 2.94 26.41
C LYS B 335 12.61 2.41 25.13
N ASP B 336 11.80 2.08 24.12
CA ASP B 336 12.29 1.47 22.88
C ASP B 336 11.92 2.37 21.71
N GLU B 337 12.69 3.44 21.52
CA GLU B 337 12.39 4.42 20.48
C GLU B 337 12.61 3.90 19.08
N GLY B 338 13.47 2.90 18.88
CA GLY B 338 13.85 2.52 17.53
C GLY B 338 13.22 1.26 16.95
N SER B 339 12.52 0.50 17.79
CA SER B 339 12.03 -0.82 17.35
C SER B 339 10.95 -0.69 16.28
N TYR B 340 10.10 0.34 16.38
CA TYR B 340 9.02 0.53 15.41
C TYR B 340 9.56 0.64 14.00
N PHE B 341 10.66 1.37 13.82
CA PHE B 341 11.16 1.71 12.49
C PHE B 341 11.90 0.56 11.82
N LEU B 342 12.22 -0.51 12.55
CA LEU B 342 13.04 -1.57 11.98
C LEU B 342 12.27 -2.41 10.98
N VAL B 343 10.96 -2.60 11.20
CA VAL B 343 10.15 -3.35 10.24
C VAL B 343 9.83 -2.54 8.99
N TYR B 344 10.38 -1.33 8.87
CA TYR B 344 10.15 -0.49 7.71
C TYR B 344 11.39 -0.36 6.83
N GLY B 345 12.33 -1.31 6.93
CA GLY B 345 13.49 -1.24 6.06
C GLY B 345 14.70 -2.03 6.51
N ALA B 346 14.78 -2.35 7.80
CA ALA B 346 15.92 -3.12 8.30
C ALA B 346 15.80 -4.57 7.86
N PRO B 347 16.84 -5.14 7.25
CA PRO B 347 16.73 -6.52 6.76
C PRO B 347 16.62 -7.52 7.91
N GLY B 348 15.87 -8.59 7.65
CA GLY B 348 15.64 -9.63 8.62
C GLY B 348 14.54 -9.33 9.62
N PHE B 349 13.88 -8.18 9.53
CA PHE B 349 12.88 -7.77 10.50
C PHE B 349 11.48 -8.00 9.96
N SER B 350 10.58 -8.39 10.87
CA SER B 350 9.18 -8.63 10.56
C SER B 350 8.39 -8.49 11.86
N LYS B 351 7.22 -7.85 11.79
CA LYS B 351 6.42 -7.71 13.00
C LYS B 351 5.76 -9.02 13.40
N ASP B 352 5.77 -10.03 12.54
CA ASP B 352 5.07 -11.29 12.80
C ASP B 352 6.01 -12.44 13.16
N ASN B 353 7.29 -12.16 13.42
CA ASN B 353 8.18 -13.16 14.00
C ASN B 353 9.06 -12.47 15.04
N GLU B 354 10.09 -13.17 15.50
CA GLU B 354 10.93 -12.65 16.58
C GLU B 354 12.02 -11.70 16.10
N SER B 355 12.21 -11.57 14.78
CA SER B 355 13.22 -10.67 14.21
C SER B 355 14.61 -10.95 14.79
N LEU B 356 14.91 -12.24 15.00
CA LEU B 356 16.21 -12.66 15.49
C LEU B 356 17.20 -12.61 14.32
N ILE B 357 17.75 -11.42 14.09
CA ILE B 357 18.57 -11.20 12.92
C ILE B 357 19.96 -11.80 13.13
N SER B 358 20.70 -11.91 12.04
CA SER B 358 22.06 -12.43 12.05
C SER B 358 23.06 -11.28 12.08
N ARG B 359 24.33 -11.64 12.27
CA ARG B 359 25.39 -10.64 12.30
C ARG B 359 25.45 -9.86 11.00
N ALA B 360 25.31 -10.56 9.86
CA ALA B 360 25.35 -9.87 8.57
C ALA B 360 24.17 -8.92 8.42
N GLU B 361 23.00 -9.31 8.90
CA GLU B 361 21.83 -8.44 8.80
C GLU B 361 21.98 -7.23 9.73
N PHE B 362 22.59 -7.42 10.90
CA PHE B 362 22.86 -6.28 11.77
C PHE B 362 23.78 -5.28 11.09
N LEU B 363 24.85 -5.77 10.47
CA LEU B 363 25.77 -4.88 9.76
C LEU B 363 25.07 -4.18 8.61
N ALA B 364 24.15 -4.87 7.94
CA ALA B 364 23.40 -4.26 6.85
C ALA B 364 22.41 -3.22 7.37
N GLY B 365 21.74 -3.53 8.48
CA GLY B 365 20.76 -2.61 9.03
C GLY B 365 21.36 -1.31 9.53
N VAL B 366 22.63 -1.35 9.96
CA VAL B 366 23.28 -0.14 10.44
C VAL B 366 23.44 0.88 9.33
N ARG B 367 23.75 0.42 8.12
CA ARG B 367 23.83 1.34 6.99
C ARG B 367 22.45 1.86 6.58
N VAL B 368 21.39 1.12 6.89
CA VAL B 368 20.04 1.62 6.65
C VAL B 368 19.58 2.51 7.80
N GLY B 369 19.98 2.19 9.04
CA GLY B 369 19.65 3.02 10.18
C GLY B 369 20.49 4.27 10.31
N VAL B 370 21.70 4.27 9.75
CA VAL B 370 22.55 5.46 9.73
C VAL B 370 22.94 5.71 8.28
N PRO B 371 22.06 6.26 7.46
CA PRO B 371 22.37 6.41 6.03
C PRO B 371 23.43 7.47 5.77
N GLN B 372 24.07 7.33 4.61
CA GLN B 372 25.06 8.26 4.06
C GLN B 372 26.08 8.71 5.10
N VAL B 373 26.65 7.75 5.83
CA VAL B 373 27.84 7.99 6.63
C VAL B 373 28.98 7.16 6.04
N SER B 374 30.21 7.57 6.36
CA SER B 374 31.37 6.85 5.86
C SER B 374 31.41 5.44 6.44
N ASP B 375 32.09 4.54 5.72
CA ASP B 375 32.27 3.18 6.22
C ASP B 375 33.06 3.17 7.52
N LEU B 376 33.97 4.13 7.69
CA LEU B 376 34.66 4.30 8.97
C LEU B 376 33.69 4.70 10.07
N ALA B 377 32.76 5.61 9.76
CA ALA B 377 31.75 6.00 10.74
C ALA B 377 30.86 4.81 11.11
N ALA B 378 30.45 4.03 10.12
CA ALA B 378 29.66 2.83 10.38
C ALA B 378 30.45 1.84 11.23
N GLU B 379 31.77 1.74 11.00
CA GLU B 379 32.61 0.86 11.80
C GLU B 379 32.59 1.28 13.27
N ALA B 380 32.68 2.59 13.53
CA ALA B 380 32.59 3.07 14.92
C ALA B 380 31.22 2.75 15.52
N VAL B 381 30.16 2.88 14.72
CA VAL B 381 28.82 2.55 15.20
C VAL B 381 28.76 1.10 15.63
N VAL B 382 29.31 0.20 14.81
CA VAL B 382 29.27 -1.23 15.13
C VAL B 382 30.12 -1.53 16.36
N LEU B 383 31.27 -0.87 16.49
CA LEU B 383 32.10 -1.05 17.68
C LEU B 383 31.33 -0.73 18.95
N HIS B 384 30.54 0.34 18.93
CA HIS B 384 29.88 0.82 20.13
C HIS B 384 28.69 -0.03 20.53
N TYR B 385 28.00 -0.64 19.56
CA TYR B 385 26.77 -1.37 19.84
C TYR B 385 26.92 -2.89 19.74
N THR B 386 28.15 -3.38 19.59
CA THR B 386 28.42 -4.81 19.68
C THR B 386 28.86 -5.15 21.09
N ASP B 387 28.25 -6.17 21.67
CA ASP B 387 28.80 -6.82 22.86
C ASP B 387 29.81 -7.85 22.38
N TRP B 388 31.10 -7.53 22.55
CA TRP B 388 32.13 -8.35 21.95
C TRP B 388 32.34 -9.68 22.66
N LEU B 389 31.70 -9.89 23.81
CA LEU B 389 31.61 -11.23 24.38
C LEU B 389 30.49 -12.04 23.76
N HIS B 390 29.53 -11.40 23.10
CA HIS B 390 28.45 -12.09 22.40
C HIS B 390 28.15 -11.36 21.09
N PRO B 391 29.13 -11.29 20.19
CA PRO B 391 28.96 -10.45 18.99
C PRO B 391 27.95 -10.98 17.99
N GLU B 392 27.35 -12.15 18.22
CA GLU B 392 26.44 -12.71 17.22
C GLU B 392 25.18 -13.31 17.84
N ASP B 393 24.87 -13.00 19.09
CA ASP B 393 23.61 -13.43 19.68
C ASP B 393 22.47 -12.68 18.98
N PRO B 394 21.55 -13.39 18.32
CA PRO B 394 20.51 -12.67 17.55
C PRO B 394 19.69 -11.69 18.35
N ALA B 395 19.33 -12.02 19.60
CA ALA B 395 18.50 -11.12 20.40
C ALA B 395 19.24 -9.84 20.75
N ARG B 396 20.51 -9.95 21.13
CA ARG B 396 21.29 -8.75 21.43
C ARG B 396 21.49 -7.90 20.18
N LEU B 397 21.69 -8.54 19.03
CA LEU B 397 21.81 -7.80 17.77
C LEU B 397 20.50 -7.09 17.42
N ARG B 398 19.36 -7.69 17.78
CA ARG B 398 18.07 -7.05 17.53
C ARG B 398 17.90 -5.79 18.37
N GLU B 399 18.16 -5.89 19.67
CA GLU B 399 18.02 -4.73 20.54
C GLU B 399 19.12 -3.71 20.29
N ALA B 400 20.30 -4.15 19.85
CA ALA B 400 21.38 -3.21 19.56
C ALA B 400 21.04 -2.32 18.37
N LEU B 401 20.46 -2.91 17.32
CA LEU B 401 20.03 -2.10 16.18
C LEU B 401 18.88 -1.19 16.55
N SER B 402 17.99 -1.66 17.43
CA SER B 402 16.94 -0.79 17.95
C SER B 402 17.54 0.40 18.69
N ASP B 403 18.60 0.16 19.48
CA ASP B 403 19.28 1.26 20.16
C ASP B 403 19.96 2.19 19.16
N VAL B 404 20.50 1.63 18.07
CA VAL B 404 21.19 2.46 17.07
C VAL B 404 20.23 3.48 16.48
N VAL B 405 19.04 3.03 16.06
CA VAL B 405 18.08 3.94 15.46
C VAL B 405 17.49 4.86 16.52
N GLY B 406 17.22 4.34 17.71
CA GLY B 406 16.62 5.16 18.76
C GLY B 406 17.55 6.24 19.26
N ASP B 407 18.80 5.88 19.56
CA ASP B 407 19.74 6.87 20.05
C ASP B 407 20.04 7.92 18.98
N HIS B 408 20.32 7.47 17.75
CA HIS B 408 20.73 8.39 16.69
C HIS B 408 19.63 9.38 16.35
N ASN B 409 18.37 8.98 16.45
CA ASN B 409 17.27 9.82 15.99
C ASN B 409 16.48 10.48 17.11
N VAL B 410 16.36 9.86 18.27
CA VAL B 410 15.49 10.38 19.31
C VAL B 410 16.23 10.67 20.61
N VAL B 411 16.78 9.62 21.24
CA VAL B 411 17.21 9.72 22.62
C VAL B 411 18.39 10.69 22.76
N CYS B 412 19.28 10.71 21.78
CA CYS B 412 20.46 11.56 21.91
C CYS B 412 20.23 13.00 21.46
N PRO B 413 19.43 13.26 20.41
CA PRO B 413 19.04 14.66 20.15
C PRO B 413 18.24 15.26 21.28
N VAL B 414 17.43 14.46 21.98
CA VAL B 414 16.64 14.98 23.10
C VAL B 414 17.54 15.27 24.29
N ALA B 415 18.42 14.33 24.63
CA ALA B 415 19.33 14.56 25.76
C ALA B 415 20.26 15.74 25.50
N GLN B 416 20.67 15.93 24.25
CA GLN B 416 21.48 17.09 23.90
C GLN B 416 20.70 18.38 24.10
N LEU B 417 19.47 18.42 23.59
CA LEU B 417 18.62 19.60 23.78
C LEU B 417 18.33 19.83 25.26
N ALA B 418 18.02 18.76 25.99
CA ALA B 418 17.68 18.89 27.41
C ALA B 418 18.85 19.44 28.20
N GLY B 419 20.07 18.97 27.90
CA GLY B 419 21.23 19.48 28.61
C GLY B 419 21.52 20.93 28.30
N ARG B 420 21.36 21.33 27.03
CA ARG B 420 21.64 22.71 26.64
C ARG B 420 20.59 23.67 27.18
N LEU B 421 19.32 23.24 27.22
CA LEU B 421 18.27 24.09 27.77
C LEU B 421 18.49 24.36 29.24
N ALA B 422 18.76 23.30 30.02
CA ALA B 422 18.96 23.46 31.45
C ALA B 422 20.20 24.29 31.76
N ALA B 423 21.27 24.11 30.97
CA ALA B 423 22.49 24.86 31.21
C ALA B 423 22.32 26.34 30.90
N GLN B 424 21.39 26.69 30.01
CA GLN B 424 21.27 28.05 29.50
C GLN B 424 19.98 28.74 29.92
N GLY B 425 19.44 28.39 31.08
CA GLY B 425 18.41 29.19 31.73
C GLY B 425 17.06 28.54 31.92
N ALA B 426 16.77 27.42 31.25
CA ALA B 426 15.45 26.82 31.33
C ALA B 426 15.40 25.74 32.40
N ARG B 427 14.28 25.70 33.12
CA ARG B 427 14.03 24.58 34.03
C ARG B 427 13.46 23.42 33.23
N VAL B 428 14.13 22.26 33.30
CA VAL B 428 13.85 21.13 32.43
C VAL B 428 13.49 19.92 33.29
N TYR B 429 12.49 19.18 32.84
CA TYR B 429 12.13 17.89 33.43
C TYR B 429 12.25 16.82 32.35
N ALA B 430 12.84 15.69 32.71
CA ALA B 430 13.07 14.59 31.78
C ALA B 430 12.41 13.33 32.30
N TYR B 431 11.90 12.52 31.38
CA TYR B 431 11.26 11.26 31.74
C TYR B 431 11.64 10.18 30.73
N VAL B 432 11.46 8.94 31.14
CA VAL B 432 11.52 7.78 30.25
C VAL B 432 10.26 6.97 30.50
N PHE B 433 9.48 6.74 29.45
CA PHE B 433 8.21 6.03 29.56
C PHE B 433 8.47 4.54 29.37
N GLU B 434 8.23 3.76 30.43
CA GLU B 434 8.64 2.36 30.44
C GLU B 434 7.48 1.39 30.66
N HIS B 435 6.24 1.84 30.49
CA HIS B 435 5.09 0.95 30.58
C HIS B 435 4.62 0.56 29.18
N ARG B 436 4.47 -0.73 28.96
CA ARG B 436 3.95 -1.27 27.71
C ARG B 436 2.46 -1.55 27.89
N ALA B 437 1.64 -0.93 27.06
CA ALA B 437 0.20 -1.07 27.18
C ALA B 437 -0.22 -2.53 27.10
N SER B 438 -1.16 -2.93 27.96
CA SER B 438 -1.63 -4.30 27.97
C SER B 438 -2.37 -4.66 26.68
N THR B 439 -2.86 -3.67 25.94
CA THR B 439 -3.60 -3.90 24.71
C THR B 439 -2.75 -3.68 23.46
N LEU B 440 -1.45 -3.45 23.62
CA LEU B 440 -0.59 -3.14 22.48
C LEU B 440 -0.57 -4.30 21.49
N SER B 441 -0.75 -3.98 20.21
CA SER B 441 -0.85 -4.98 19.16
C SER B 441 0.46 -5.25 18.44
N TRP B 442 1.49 -4.43 18.65
CA TRP B 442 2.80 -4.70 18.11
C TRP B 442 3.44 -5.87 18.88
N PRO B 443 4.39 -6.57 18.25
CA PRO B 443 4.97 -7.76 18.91
C PRO B 443 5.71 -7.40 20.20
N LEU B 444 5.94 -8.43 21.01
CA LEU B 444 6.55 -8.22 22.32
C LEU B 444 8.00 -7.79 22.21
N TRP B 445 8.70 -8.16 21.13
CA TRP B 445 10.11 -7.78 21.00
C TRP B 445 10.28 -6.29 20.77
N MET B 446 9.23 -5.59 20.35
CA MET B 446 9.32 -4.15 20.15
C MET B 446 9.30 -3.36 21.45
N GLY B 447 8.93 -3.98 22.57
CA GLY B 447 8.97 -3.32 23.86
C GLY B 447 7.95 -2.20 24.02
N VAL B 448 8.43 -1.00 24.31
CA VAL B 448 7.59 0.19 24.41
C VAL B 448 7.90 1.08 23.21
N PRO B 449 7.20 0.93 22.10
CA PRO B 449 7.62 1.57 20.85
C PRO B 449 7.33 3.07 20.83
N HIS B 450 7.92 3.71 19.83
CA HIS B 450 7.68 5.11 19.51
C HIS B 450 6.19 5.39 19.38
N GLY B 451 5.71 6.35 20.18
CA GLY B 451 4.35 6.84 20.04
C GLY B 451 3.32 6.25 20.98
N TYR B 452 3.69 5.31 21.85
CA TYR B 452 2.72 4.59 22.66
C TYR B 452 2.74 5.00 24.12
N GLU B 453 3.15 6.24 24.39
CA GLU B 453 2.78 6.93 25.61
C GLU B 453 1.59 7.86 25.41
N ILE B 454 1.27 8.17 24.14
CA ILE B 454 0.25 9.16 23.83
C ILE B 454 -1.10 8.75 24.41
N GLU B 455 -1.47 7.47 24.27
CA GLU B 455 -2.77 7.02 24.73
C GLU B 455 -2.93 7.12 26.24
N PHE B 456 -1.83 7.10 26.99
CA PHE B 456 -1.92 7.28 28.43
C PHE B 456 -1.91 8.75 28.82
N ILE B 457 -1.17 9.58 28.09
CA ILE B 457 -1.20 11.02 28.35
C ILE B 457 -2.60 11.57 28.14
N PHE B 458 -3.27 11.13 27.07
CA PHE B 458 -4.61 11.60 26.75
C PHE B 458 -5.70 10.89 27.53
N GLY B 459 -5.35 10.04 28.50
CA GLY B 459 -6.37 9.37 29.28
C GLY B 459 -7.23 8.38 28.53
N ILE B 460 -6.75 7.85 27.40
CA ILE B 460 -7.56 6.90 26.63
C ILE B 460 -7.99 5.72 27.48
N PRO B 461 -7.17 5.17 28.43
CA PRO B 461 -7.65 4.04 29.24
C PRO B 461 -8.98 4.27 29.95
N LEU B 462 -9.35 5.53 30.19
CA LEU B 462 -10.61 5.83 30.84
C LEU B 462 -11.82 5.56 29.96
N ASP B 463 -11.62 5.35 28.66
CA ASP B 463 -12.71 5.03 27.76
C ASP B 463 -13.34 3.70 28.17
N PRO B 464 -14.63 3.66 28.48
CA PRO B 464 -15.24 2.40 28.94
C PRO B 464 -15.25 1.31 27.90
N SER B 465 -15.17 1.65 26.61
CA SER B 465 -15.22 0.67 25.53
C SER B 465 -13.86 0.09 25.19
N ARG B 466 -12.91 0.12 26.13
CA ARG B 466 -11.57 -0.42 25.92
C ARG B 466 -11.29 -1.49 26.96
N ASN B 467 -10.21 -2.24 26.74
CA ASN B 467 -9.85 -3.37 27.58
C ASN B 467 -8.62 -3.09 28.44
N TYR B 468 -8.37 -1.83 28.76
CA TYR B 468 -7.29 -1.49 29.67
C TYR B 468 -7.59 -2.04 31.06
N THR B 469 -6.53 -2.22 31.85
CA THR B 469 -6.67 -2.75 33.20
C THR B 469 -6.91 -1.62 34.19
N ALA B 470 -7.23 -2.02 35.43
CA ALA B 470 -7.52 -1.04 36.46
C ALA B 470 -6.31 -0.16 36.76
N GLU B 471 -5.13 -0.76 36.80
CA GLU B 471 -3.92 0.00 37.12
C GLU B 471 -3.57 0.98 36.01
N GLU B 472 -3.89 0.64 34.76
CA GLU B 472 -3.58 1.55 33.65
C GLU B 472 -4.46 2.79 33.70
N LYS B 473 -5.69 2.67 34.22
CA LYS B 473 -6.54 3.85 34.41
C LYS B 473 -5.98 4.75 35.50
N ILE B 474 -5.55 4.17 36.62
CA ILE B 474 -4.89 4.95 37.67
C ILE B 474 -3.62 5.58 37.14
N PHE B 475 -2.87 4.82 36.32
CA PHE B 475 -1.63 5.35 35.74
C PHE B 475 -1.91 6.54 34.82
N ALA B 476 -2.95 6.45 33.98
CA ALA B 476 -3.27 7.54 33.07
C ALA B 476 -3.64 8.81 33.82
N GLN B 477 -4.25 8.69 35.01
CA GLN B 477 -4.59 9.86 35.78
C GLN B 477 -3.35 10.51 36.38
N ARG B 478 -2.36 9.72 36.77
CA ARG B 478 -1.08 10.27 37.24
C ARG B 478 -0.43 11.11 36.14
N LEU B 479 -0.39 10.59 34.93
CA LEU B 479 0.29 11.29 33.83
C LEU B 479 -0.48 12.54 33.42
N MET B 480 -1.81 12.46 33.37
CA MET B 480 -2.61 13.65 33.10
C MET B 480 -2.39 14.71 34.17
N ARG B 481 -2.26 14.29 35.43
CA ARG B 481 -1.95 15.23 36.50
C ARG B 481 -0.55 15.82 36.32
N TYR B 482 0.43 14.97 36.01
CA TYR B 482 1.78 15.47 35.70
C TYR B 482 1.73 16.53 34.62
N TRP B 483 1.14 16.19 33.47
CA TRP B 483 1.13 17.11 32.34
C TRP B 483 0.33 18.37 32.65
N ALA B 484 -0.77 18.25 33.39
CA ALA B 484 -1.58 19.42 33.70
C ALA B 484 -0.90 20.32 34.74
N ASN B 485 -0.33 19.72 35.79
CA ASN B 485 0.41 20.50 36.77
C ASN B 485 1.52 21.30 36.10
N PHE B 486 2.25 20.68 35.17
CA PHE B 486 3.28 21.41 34.44
C PHE B 486 2.69 22.53 33.59
N ALA B 487 1.47 22.34 33.08
CA ALA B 487 0.83 23.38 32.29
C ALA B 487 0.45 24.57 33.15
N ARG B 488 -0.13 24.30 34.33
CA ARG B 488 -0.50 25.39 35.23
C ARG B 488 0.73 26.07 35.82
N THR B 489 1.59 25.28 36.47
CA THR B 489 2.63 25.82 37.33
C THR B 489 4.03 25.80 36.72
N GLY B 490 4.22 25.10 35.59
CA GLY B 490 5.57 24.89 35.12
C GLY B 490 6.33 23.83 35.88
N ASP B 491 5.63 23.05 36.71
CA ASP B 491 6.21 22.04 37.59
C ASP B 491 5.27 20.84 37.62
N PRO B 492 5.71 19.67 37.16
CA PRO B 492 4.82 18.50 37.16
C PRO B 492 4.48 17.98 38.54
N ASN B 493 5.07 18.52 39.60
CA ASN B 493 4.78 18.04 40.94
C ASN B 493 3.50 18.69 41.48
N GLU B 494 2.92 18.05 42.48
CA GLU B 494 1.52 18.24 42.89
C GLU B 494 0.97 19.67 43.11
N PRO B 495 1.74 20.57 43.73
CA PRO B 495 3.14 20.61 44.19
C PRO B 495 3.36 20.12 45.62
N ARG B 496 2.29 19.85 46.36
CA ARG B 496 2.40 19.52 47.78
C ARG B 496 1.70 18.21 48.08
N ASP B 497 2.45 17.27 48.64
CA ASP B 497 1.88 16.13 49.35
C ASP B 497 2.41 16.11 50.80
N PRO B 498 3.75 16.14 50.99
CA PRO B 498 4.90 16.04 50.08
C PRO B 498 5.40 14.61 50.01
N LYS B 499 4.60 13.68 50.54
CA LYS B 499 4.98 12.27 50.54
C LYS B 499 5.06 11.69 49.14
N ALA B 500 4.35 12.28 48.19
CA ALA B 500 4.41 11.80 46.81
C ALA B 500 5.86 11.90 46.31
N PRO B 501 6.40 10.84 45.71
CA PRO B 501 7.81 10.86 45.32
C PRO B 501 8.05 11.92 44.25
N GLN B 502 9.00 12.80 44.52
CA GLN B 502 9.13 14.03 43.73
C GLN B 502 9.95 13.80 42.47
N TRP B 503 9.81 14.74 41.54
CA TRP B 503 10.41 14.67 40.21
C TRP B 503 11.43 15.79 40.09
N PRO B 504 12.72 15.51 40.29
CA PRO B 504 13.70 16.60 40.30
C PRO B 504 13.93 17.15 38.90
N PRO B 505 14.21 18.44 38.78
CA PRO B 505 14.56 18.99 37.46
C PRO B 505 15.79 18.32 36.88
N TYR B 506 15.88 18.38 35.55
CA TYR B 506 17.02 17.83 34.82
C TYR B 506 18.07 18.93 34.65
N THR B 507 19.28 18.65 35.09
CA THR B 507 20.39 19.59 34.96
C THR B 507 21.48 18.97 34.08
N ALA B 508 22.34 19.85 33.55
CA ALA B 508 23.42 19.38 32.68
C ALA B 508 24.44 18.53 33.41
N GLY B 509 24.51 18.63 34.74
CA GLY B 509 25.45 17.85 35.51
C GLY B 509 24.86 16.58 36.07
N ALA B 510 23.81 16.72 36.88
CA ALA B 510 23.21 15.54 37.51
C ALA B 510 22.46 14.69 36.50
N GLN B 511 21.82 15.33 35.53
CA GLN B 511 21.08 14.65 34.45
C GLN B 511 20.05 13.69 35.03
N GLN B 512 19.22 14.21 35.91
CA GLN B 512 18.24 13.39 36.61
C GLN B 512 16.93 13.34 35.82
N TYR B 513 16.43 12.12 35.61
CA TYR B 513 15.14 11.89 34.97
C TYR B 513 14.39 10.85 35.77
N VAL B 514 13.08 10.75 35.51
CA VAL B 514 12.26 9.77 36.19
C VAL B 514 11.72 8.78 35.17
N SER B 515 11.37 7.60 35.66
CA SER B 515 10.75 6.56 34.86
C SER B 515 9.25 6.57 35.12
N LEU B 516 8.45 6.53 34.06
CA LEU B 516 7.00 6.57 34.14
C LEU B 516 6.46 5.18 33.84
N ASP B 517 5.92 4.53 34.86
CA ASP B 517 5.27 3.23 34.71
C ASP B 517 4.34 3.03 35.89
N LEU B 518 3.89 1.79 36.10
CA LEU B 518 2.94 1.51 37.18
C LEU B 518 3.56 1.73 38.55
N ARG B 519 4.88 1.56 38.66
CA ARG B 519 5.55 1.78 39.94
C ARG B 519 5.77 3.27 40.17
N PRO B 520 5.89 3.70 41.44
CA PRO B 520 6.07 5.12 41.74
C PRO B 520 7.30 5.70 41.05
N LEU B 521 7.34 7.03 40.99
CA LEU B 521 8.42 7.74 40.33
C LEU B 521 9.77 7.34 40.90
N GLU B 522 10.78 7.32 40.03
CA GLU B 522 12.13 6.92 40.43
C GLU B 522 13.14 7.75 39.67
N VAL B 523 14.01 8.45 40.41
CA VAL B 523 15.06 9.23 39.79
C VAL B 523 16.14 8.30 39.24
N ARG B 524 16.64 8.62 38.06
CA ARG B 524 17.81 7.98 37.49
C ARG B 524 18.72 9.07 36.94
N ARG B 525 19.94 8.69 36.56
CA ARG B 525 20.94 9.64 36.12
C ARG B 525 21.48 9.23 34.76
N GLY B 526 21.54 10.18 33.84
CA GLY B 526 22.10 9.94 32.53
C GLY B 526 21.11 9.37 31.53
N LEU B 527 20.76 10.17 30.51
CA LEU B 527 19.93 9.69 29.40
C LEU B 527 20.85 9.03 28.38
N ARG B 528 21.20 7.78 28.66
CA ARG B 528 22.16 7.02 27.85
C ARG B 528 23.45 7.84 27.66
N ALA B 529 24.11 8.11 28.79
CA ALA B 529 25.21 9.07 28.79
C ALA B 529 26.36 8.61 27.89
N GLN B 530 26.73 7.33 27.96
CA GLN B 530 27.87 6.86 27.18
C GLN B 530 27.55 6.82 25.68
N ALA B 531 26.35 6.36 25.33
CA ALA B 531 25.99 6.26 23.91
C ALA B 531 25.87 7.63 23.27
N CYS B 532 25.26 8.59 23.99
CA CYS B 532 25.07 9.91 23.41
C CYS B 532 26.37 10.70 23.34
N ALA B 533 27.36 10.37 24.18
CA ALA B 533 28.68 10.96 24.00
C ALA B 533 29.32 10.51 22.69
N PHE B 534 29.02 9.29 22.26
CA PHE B 534 29.50 8.84 20.96
C PHE B 534 28.81 9.61 19.82
N TRP B 535 27.49 9.79 19.93
CA TRP B 535 26.76 10.46 18.86
C TRP B 535 26.99 11.97 18.90
N ASN B 536 26.89 12.58 20.09
CA ASN B 536 27.00 14.03 20.18
C ASN B 536 28.45 14.51 20.05
N ARG B 537 29.40 13.80 20.68
CA ARG B 537 30.76 14.31 20.81
C ARG B 537 31.73 13.70 19.81
N PHE B 538 31.82 12.37 19.73
CA PHE B 538 32.88 11.75 18.94
C PHE B 538 32.54 11.73 17.46
N LEU B 539 31.42 11.10 17.09
CA LEU B 539 31.09 10.91 15.68
C LEU B 539 31.13 12.18 14.84
N PRO B 540 30.73 13.37 15.34
CA PRO B 540 30.96 14.58 14.54
C PRO B 540 32.42 14.81 14.17
N LYS B 541 33.34 14.66 15.14
CA LYS B 541 34.75 14.85 14.85
C LYS B 541 35.28 13.80 13.89
N LEU B 542 34.65 12.62 13.85
CA LEU B 542 35.04 11.60 12.87
C LEU B 542 34.63 12.01 11.46
N LEU B 543 33.42 12.55 11.31
CA LEU B 543 32.99 13.00 9.99
C LEU B 543 33.79 14.21 9.52
N SER B 544 34.23 15.06 10.44
CA SER B 544 35.05 16.22 10.06
C SER B 544 36.40 15.78 9.52
N ALA B 545 37.05 14.82 10.17
CA ALA B 545 38.28 14.25 9.66
C ALA B 545 38.04 13.34 8.45
N THR B 546 36.78 12.99 8.18
CA THR B 546 36.40 12.18 7.03
C THR B 546 37.17 10.86 6.97
C1 EBW C . 2.40 -7.11 -11.71
C2 EBW C . 2.72 -6.26 -10.50
C5 EBW C . 1.04 -7.05 -12.35
C6 EBW C . 3.39 -7.11 -9.44
C7 EBW C . 3.76 -6.35 -8.19
C8 EBW C . 5.10 -6.25 -7.84
C9 EBW C . 5.45 -5.56 -6.69
C10 EBW C . 4.47 -4.99 -5.89
C11 EBW C . 3.14 -5.09 -6.25
N1 EBW C . -4.76 -8.30 -14.78
N2 EBW C . 4.84 -4.28 -4.73
C12 EBW C . 2.77 -5.78 -7.40
C13 EBW C . 0.35 -8.39 -12.28
C14 EBW C . -1.00 -8.38 -12.94
C15 EBW C . -2.01 -7.62 -12.39
C16 EBW C . -3.26 -7.60 -13.00
C17 EBW C . -3.48 -8.34 -14.16
C18 EBW C . -2.46 -9.09 -14.71
C19 EBW C . -1.21 -9.10 -14.10
C20 EBW C . -4.75 -9.15 -15.91
C21 EBW C . -5.73 -8.76 -13.85
C22 EBW C . -5.03 -6.97 -15.17
C23 EBW C . -3.84 -6.38 -15.89
C24 EBW C . 4.43 -2.93 -4.92
C25 EBW C . 6.25 -4.36 -4.56
C26 EBW C . 4.20 -4.83 -3.59
C27 EBW C . 5.63 -2.01 -5.05
C28 EBW C . 5.91 -1.48 -6.26
C29 EBW C . -3.54 -5.08 -15.74
O1 EBW C . 3.25 -7.86 -12.15
C1 GOL D . -9.08 1.99 -17.70
O1 GOL D . -9.26 3.13 -16.89
C2 GOL D . -10.42 1.62 -18.34
O2 GOL D . -10.67 0.25 -18.10
C3 GOL D . -10.31 1.83 -19.85
O3 GOL D . -11.56 2.23 -20.36
C1 GOL E . -8.17 -20.62 11.49
O1 GOL E . -7.23 -21.30 12.28
C2 GOL E . -7.59 -19.27 11.07
O2 GOL E . -7.32 -18.50 12.21
C3 GOL E . -8.60 -18.53 10.19
O3 GOL E . -8.07 -17.29 9.79
N NO3 F . 3.41 3.73 -27.84
O1 NO3 F . 4.24 4.61 -27.47
O2 NO3 F . 2.18 4.02 -27.92
O3 NO3 F . 3.79 2.55 -28.12
C1 EBW G . 8.06 5.61 9.57
C2 EBW G . 7.52 4.85 8.38
C5 EBW G . 7.16 5.97 10.74
C6 EBW G . 8.20 5.38 7.15
C7 EBW G . 7.90 4.66 5.86
C8 EBW G . 8.95 4.11 5.14
C9 EBW G . 8.69 3.45 3.95
C10 EBW G . 7.40 3.34 3.47
C11 EBW G . 6.35 3.89 4.19
N1 EBW G . 3.30 8.68 14.97
N2 EBW G . 7.16 2.66 2.26
C12 EBW G . 6.60 4.55 5.38
C13 EBW G . 7.18 7.45 11.01
C14 EBW G . 6.16 7.79 12.07
C15 EBW G . 4.86 7.36 11.91
C16 EBW G . 3.92 7.66 12.88
C17 EBW G . 4.27 8.39 14.00
C18 EBW G . 5.59 8.82 14.16
C19 EBW G . 6.53 8.52 13.19
C20 EBW G . 3.88 9.42 16.04
C21 EBW G . 2.25 9.43 14.39
C22 EBW G . 2.81 7.45 15.48
C23 EBW G . 3.97 6.56 15.88
C24 EBW G . 6.63 1.39 2.59
C25 EBW G . 8.40 2.51 1.57
C26 EBW G . 6.25 3.38 1.44
C27 EBW G . 7.71 0.33 2.55
C28 EBW G . 8.23 -0.12 3.71
C29 EBW G . 3.93 5.24 15.63
O1 EBW G . 9.22 5.95 9.58
C1 GOL H . -2.13 -0.33 19.54
O1 GOL H . -2.52 -1.68 19.51
C2 GOL H . -2.85 0.39 20.66
O2 GOL H . -2.11 1.53 21.07
C3 GOL H . -3.05 -0.55 21.85
O3 GOL H . -3.03 0.18 23.05
C1 GOL I . -6.26 19.71 -8.50
O1 GOL I . -6.38 19.77 -7.10
C2 GOL I . -6.47 21.09 -9.09
O2 GOL I . -6.22 22.07 -8.11
C3 GOL I . -5.52 21.29 -10.26
O3 GOL I . -5.70 22.57 -10.81
#